data_5KB6
#
_entry.id   5KB6
#
_cell.length_a   50.839
_cell.length_b   82.159
_cell.length_c   89.189
_cell.angle_alpha   90.000
_cell.angle_beta   92.690
_cell.angle_gamma   90.000
#
_symmetry.space_group_name_H-M   'P 1 21 1'
#
loop_
_entity.id
_entity.type
_entity.pdbx_description
1 polymer 'Adenosine kinase'
2 non-polymer ADENOSINE
3 non-polymer 'SULFATE ION'
4 non-polymer 'CHLORIDE ION'
5 non-polymer 'TETRAETHYLENE GLYCOL'
6 non-polymer 'ACETATE ION'
7 water water
#
_entity_poly.entity_id   1
_entity_poly.type   'polypeptide(L)'
_entity_poly.pdbx_seq_one_letter_code
;GSMAAADEPKPKKLKVEAPQALSENVLFGMGNPLLDISAVVDKDFLDKYSLKPNDQILAEDKHKELFDELVKKFKVEYHA
GGSTQNSMKVAQWLIQEPHKAATFFGCIGIDKFGEILKRKAADAHVDAHYYEQNEQPTGTCAACITGGNRSLVANLAAAN
CYKKEKHLDLERNWVLVEKARVYYIAGFFLTVSPESVLKVARYAAENNRVFTLNLSAPFISQFFKEALMDVMPYVDILFG
NETEAATFAREQGFETKDIKEIAKKAQALPKVNSKRQRTVIFTQGRDDTIVAAENDVTAFPVLDQNQEEIIDTNGAGDAF
VGGFLSQLVSDKPLTECIRAGHYAASVIIRRTGCTFPEKPDFH
;
_entity_poly.pdbx_strand_id   A,B
#
loop_
_chem_comp.id
_chem_comp.type
_chem_comp.name
_chem_comp.formula
ACT non-polymer 'ACETATE ION' 'C2 H3 O2 -1'
ADN non-polymer ADENOSINE 'C10 H13 N5 O4'
CL non-polymer 'CHLORIDE ION' 'Cl -1'
PG4 non-polymer 'TETRAETHYLENE GLYCOL' 'C8 H18 O5'
SO4 non-polymer 'SULFATE ION' 'O4 S -2'
#
# COMPACT_ATOMS: atom_id res chain seq x y z
N ALA A 21 -1.88 -31.48 -13.56
CA ALA A 21 -0.70 -30.82 -14.18
C ALA A 21 -0.73 -29.30 -13.92
N LEU A 22 0.40 -28.78 -13.47
CA LEU A 22 0.55 -27.35 -13.17
C LEU A 22 0.40 -26.53 -14.42
N SER A 23 -0.14 -25.34 -14.27
CA SER A 23 -0.22 -24.39 -15.36
C SER A 23 1.11 -23.66 -15.53
N GLU A 24 1.35 -23.12 -16.73
CA GLU A 24 2.49 -22.22 -16.94
C GLU A 24 2.31 -20.97 -16.10
N ASN A 25 3.44 -20.44 -15.63
CA ASN A 25 3.43 -19.19 -14.85
C ASN A 25 2.71 -19.32 -13.52
N VAL A 26 2.67 -20.53 -12.98
CA VAL A 26 2.06 -20.78 -11.68
C VAL A 26 2.86 -20.16 -10.52
N LEU A 27 4.17 -19.96 -10.72
CA LEU A 27 5.04 -19.39 -9.71
C LEU A 27 5.61 -18.11 -10.27
N PHE A 28 5.51 -17.01 -9.52
CA PHE A 28 6.02 -15.72 -9.97
C PHE A 28 7.10 -15.23 -9.03
N GLY A 29 8.22 -14.78 -9.60
CA GLY A 29 9.26 -14.10 -8.88
C GLY A 29 9.65 -12.82 -9.56
N MET A 30 10.13 -11.86 -8.77
CA MET A 30 10.76 -10.68 -9.33
C MET A 30 11.88 -10.23 -8.42
N GLY A 31 12.88 -9.60 -9.01
CA GLY A 31 14.06 -9.25 -8.26
C GLY A 31 15.14 -8.70 -9.15
N ASN A 32 16.38 -8.96 -8.76
CA ASN A 32 17.58 -8.37 -9.34
C ASN A 32 18.33 -9.42 -10.14
N PRO A 33 18.11 -9.46 -11.46
CA PRO A 33 18.79 -10.49 -12.23
C PRO A 33 20.25 -10.14 -12.45
N LEU A 34 21.09 -11.17 -12.39
CA LEU A 34 22.50 -11.03 -12.67
C LEU A 34 22.91 -12.12 -13.63
N LEU A 35 23.78 -11.80 -14.59
CA LEU A 35 24.46 -12.81 -15.37
C LEU A 35 25.66 -13.32 -14.59
N ASP A 36 25.62 -14.60 -14.23
CA ASP A 36 26.77 -15.26 -13.61
C ASP A 36 27.77 -15.61 -14.68
N ILE A 37 29.04 -15.29 -14.40
CA ILE A 37 30.14 -15.62 -15.29
C ILE A 37 31.18 -16.34 -14.44
N SER A 38 31.43 -17.61 -14.70
CA SER A 38 32.40 -18.37 -13.91
C SER A 38 33.59 -18.76 -14.80
N ALA A 39 34.79 -18.66 -14.24
CA ALA A 39 35.98 -19.08 -14.98
C ALA A 39 37.10 -19.39 -14.03
N VAL A 40 38.02 -20.23 -14.50
CA VAL A 40 39.27 -20.44 -13.83
C VAL A 40 40.20 -19.35 -14.33
N VAL A 41 40.67 -18.52 -13.41
CA VAL A 41 41.54 -17.38 -13.74
C VAL A 41 42.96 -17.68 -13.28
N ASP A 42 43.84 -16.68 -13.29
CA ASP A 42 45.20 -16.89 -12.79
C ASP A 42 45.54 -15.82 -11.77
N LYS A 43 46.72 -15.97 -11.19
CA LYS A 43 47.23 -15.05 -10.19
C LYS A 43 47.28 -13.60 -10.70
N ASP A 44 47.75 -13.41 -11.93
CA ASP A 44 47.83 -12.07 -12.51
C ASP A 44 46.47 -11.37 -12.50
N PHE A 45 45.42 -12.11 -12.85
CA PHE A 45 44.07 -11.55 -12.90
C PHE A 45 43.58 -11.12 -11.53
N LEU A 46 43.69 -12.03 -10.56
CA LEU A 46 43.35 -11.67 -9.20
C LEU A 46 44.13 -10.45 -8.71
N ASP A 47 45.44 -10.44 -8.97
CA ASP A 47 46.25 -9.31 -8.51
C ASP A 47 45.85 -7.99 -9.15
N LYS A 48 45.59 -8.02 -10.45
CA LYS A 48 45.22 -6.80 -11.18
C LYS A 48 43.99 -6.14 -10.58
N TYR A 49 43.03 -6.97 -10.17
CA TYR A 49 41.77 -6.48 -9.61
C TYR A 49 41.72 -6.51 -8.10
N SER A 50 42.90 -6.69 -7.46
CA SER A 50 43.04 -6.62 -6.02
C SER A 50 42.10 -7.59 -5.30
N LEU A 51 42.00 -8.80 -5.83
CA LEU A 51 41.13 -9.83 -5.26
C LEU A 51 41.95 -10.84 -4.45
N LYS A 52 41.60 -11.06 -3.19
CA LYS A 52 42.09 -12.24 -2.46
C LYS A 52 41.33 -13.45 -3.02
N PRO A 53 41.89 -14.67 -2.90
CA PRO A 53 41.30 -15.80 -3.60
C PRO A 53 39.86 -16.20 -3.23
N ASN A 54 39.40 -15.84 -2.01
CA ASN A 54 38.00 -16.08 -1.60
C ASN A 54 37.25 -14.79 -1.22
N ASP A 55 37.68 -13.65 -1.74
CA ASP A 55 36.91 -12.41 -1.54
C ASP A 55 35.51 -12.56 -2.15
N GLN A 56 34.52 -12.02 -1.46
CA GLN A 56 33.16 -11.92 -1.98
C GLN A 56 32.76 -10.49 -1.81
N ILE A 57 32.66 -9.76 -2.92
CA ILE A 57 32.45 -8.33 -2.87
C ILE A 57 31.45 -7.80 -3.86
N LEU A 58 30.98 -6.59 -3.58
CA LEU A 58 30.33 -5.75 -4.58
C LEU A 58 31.41 -5.02 -5.35
N ALA A 59 31.23 -4.88 -6.65
CA ALA A 59 32.20 -4.17 -7.49
C ALA A 59 32.39 -2.72 -7.05
N GLU A 60 33.67 -2.32 -7.00
CA GLU A 60 34.12 -0.97 -6.73
C GLU A 60 34.54 -0.41 -8.07
N ASP A 61 34.92 0.86 -8.09
CA ASP A 61 35.36 1.52 -9.33
C ASP A 61 36.45 0.74 -10.06
N LYS A 62 37.41 0.20 -9.30
CA LYS A 62 38.51 -0.59 -9.87
C LYS A 62 38.04 -1.87 -10.60
N HIS A 63 36.83 -2.35 -10.32
CA HIS A 63 36.30 -3.58 -10.93
C HIS A 63 35.38 -3.36 -12.15
N LYS A 64 35.23 -2.13 -12.64
CA LYS A 64 34.21 -1.89 -13.68
C LYS A 64 34.52 -2.55 -15.04
N GLU A 65 35.81 -2.79 -15.34
CA GLU A 65 36.26 -3.46 -16.59
C GLU A 65 36.52 -4.97 -16.39
N LEU A 66 36.38 -5.44 -15.16
CA LEU A 66 36.70 -6.82 -14.80
C LEU A 66 35.92 -7.83 -15.62
N PHE A 67 34.63 -7.59 -15.82
CA PHE A 67 33.75 -8.56 -16.47
C PHE A 67 34.10 -8.66 -17.94
N ASP A 68 34.34 -7.53 -18.59
CA ASP A 68 34.78 -7.53 -19.98
C ASP A 68 36.12 -8.25 -20.15
N GLU A 69 37.07 -8.00 -19.26
CA GLU A 69 38.36 -8.68 -19.36
C GLU A 69 38.21 -10.18 -19.10
N LEU A 70 37.40 -10.54 -18.13
CA LEU A 70 37.21 -11.93 -17.77
C LEU A 70 36.76 -12.73 -19.00
N VAL A 71 35.76 -12.21 -19.72
CA VAL A 71 35.23 -12.90 -20.89
C VAL A 71 36.18 -12.86 -22.09
N LYS A 72 37.02 -11.82 -22.20
CA LYS A 72 37.99 -11.75 -23.29
C LYS A 72 39.16 -12.70 -23.07
N LYS A 73 39.60 -12.87 -21.84
CA LYS A 73 40.86 -13.58 -21.55
C LYS A 73 40.70 -15.05 -21.18
N PHE A 74 39.52 -15.45 -20.67
CA PHE A 74 39.31 -16.80 -20.14
C PHE A 74 38.10 -17.46 -20.76
N LYS A 75 38.13 -18.79 -20.79
CA LYS A 75 36.95 -19.56 -21.16
C LYS A 75 36.00 -19.44 -19.97
N VAL A 76 34.76 -19.07 -20.23
CA VAL A 76 33.78 -18.84 -19.17
C VAL A 76 32.57 -19.74 -19.35
N GLU A 77 31.85 -19.89 -18.25
CA GLU A 77 30.53 -20.50 -18.27
C GLU A 77 29.56 -19.48 -17.73
N TYR A 78 28.40 -19.39 -18.37
CA TYR A 78 27.36 -18.44 -18.01
C TYR A 78 26.19 -19.13 -17.34
N HIS A 79 25.55 -18.41 -16.42
CA HIS A 79 24.33 -18.91 -15.75
C HIS A 79 23.40 -17.76 -15.46
N ALA A 80 22.11 -18.02 -15.38
CA ALA A 80 21.16 -17.00 -14.96
C ALA A 80 21.18 -16.93 -13.44
N GLY A 81 21.43 -15.74 -12.90
CA GLY A 81 21.61 -15.57 -11.46
C GLY A 81 20.92 -14.41 -10.84
N GLY A 82 21.42 -14.06 -9.66
CA GLY A 82 20.69 -13.17 -8.75
C GLY A 82 19.79 -14.00 -7.84
N SER A 83 19.52 -13.52 -6.64
CA SER A 83 18.89 -14.34 -5.61
C SER A 83 17.51 -14.89 -6.01
N THR A 84 16.57 -14.00 -6.36
CA THR A 84 15.25 -14.46 -6.69
C THR A 84 15.27 -15.32 -7.95
N GLN A 85 16.03 -14.91 -8.96
CA GLN A 85 16.08 -15.67 -10.19
C GLN A 85 16.67 -17.07 -9.93
N ASN A 86 17.67 -17.15 -9.06
CA ASN A 86 18.20 -18.45 -8.62
C ASN A 86 17.09 -19.32 -8.05
N SER A 87 16.27 -18.75 -7.18
CA SER A 87 15.17 -19.52 -6.62
C SER A 87 14.18 -19.95 -7.68
N MET A 88 13.91 -19.09 -8.65
CA MET A 88 13.03 -19.47 -9.74
C MET A 88 13.58 -20.61 -10.58
N LYS A 89 14.86 -20.56 -10.93
CA LYS A 89 15.41 -21.62 -11.75
C LYS A 89 15.51 -22.94 -10.99
N VAL A 90 15.78 -22.90 -9.69
CA VAL A 90 15.80 -24.12 -8.88
C VAL A 90 14.39 -24.69 -8.79
N ALA A 91 13.40 -23.83 -8.56
CA ALA A 91 12.02 -24.29 -8.50
C ALA A 91 11.63 -24.96 -9.80
N GLN A 92 11.93 -24.28 -10.92
CA GLN A 92 11.63 -24.85 -12.23
C GLN A 92 12.31 -26.18 -12.45
N TRP A 93 13.56 -26.30 -12.02
CA TRP A 93 14.31 -27.54 -12.15
C TRP A 93 13.59 -28.70 -11.48
N LEU A 94 13.11 -28.45 -10.26
CA LEU A 94 12.42 -29.48 -9.51
C LEU A 94 11.00 -29.72 -10.00
N ILE A 95 10.32 -28.69 -10.50
CA ILE A 95 8.99 -28.86 -11.09
C ILE A 95 9.05 -29.72 -12.33
N GLN A 96 10.04 -29.46 -13.18
CA GLN A 96 10.33 -30.18 -14.44
C GLN A 96 9.34 -29.86 -15.55
N GLU A 97 8.06 -30.09 -15.30
CA GLU A 97 7.00 -29.89 -16.28
C GLU A 97 5.83 -29.19 -15.62
N PRO A 98 5.24 -28.19 -16.30
CA PRO A 98 5.61 -27.68 -17.61
C PRO A 98 6.88 -26.82 -17.55
N HIS A 99 7.54 -26.70 -18.68
CA HIS A 99 8.49 -25.59 -18.86
C HIS A 99 7.73 -24.27 -18.64
N LYS A 100 8.43 -23.25 -18.17
CA LYS A 100 7.82 -21.93 -17.92
C LYS A 100 6.76 -21.98 -16.82
N ALA A 101 6.91 -22.92 -15.87
CA ALA A 101 6.11 -22.89 -14.66
C ALA A 101 6.45 -21.68 -13.79
N ALA A 102 7.73 -21.28 -13.82
CA ALA A 102 8.23 -20.14 -13.05
C ALA A 102 8.43 -18.94 -13.95
N THR A 103 7.88 -17.81 -13.52
CA THR A 103 8.05 -16.52 -14.16
C THR A 103 9.10 -15.71 -13.40
N PHE A 104 9.87 -14.87 -14.10
CA PHE A 104 10.79 -13.95 -13.43
C PHE A 104 10.77 -12.60 -14.14
N PHE A 105 10.60 -11.52 -13.35
CA PHE A 105 10.74 -10.14 -13.84
C PHE A 105 11.91 -9.47 -13.15
N GLY A 106 12.64 -8.66 -13.89
CA GLY A 106 13.68 -7.80 -13.38
C GLY A 106 14.27 -6.95 -14.48
N CYS A 107 15.29 -6.15 -14.17
CA CYS A 107 15.82 -5.17 -15.13
C CYS A 107 17.20 -5.60 -15.64
N ILE A 108 17.40 -5.52 -16.95
CA ILE A 108 18.66 -5.79 -17.58
C ILE A 108 19.03 -4.61 -18.50
N GLY A 109 20.24 -4.67 -19.05
CA GLY A 109 20.70 -3.68 -20.04
C GLY A 109 20.46 -4.17 -21.44
N ILE A 110 20.70 -3.28 -22.41
CA ILE A 110 20.61 -3.60 -23.82
C ILE A 110 22.06 -3.75 -24.29
N ASP A 111 22.58 -4.93 -24.04
CA ASP A 111 23.99 -5.25 -24.24
C ASP A 111 24.14 -6.74 -24.48
N LYS A 112 25.36 -7.15 -24.81
CA LYS A 112 25.62 -8.55 -25.09
C LYS A 112 25.33 -9.41 -23.86
N PHE A 113 25.72 -8.93 -22.67
CA PHE A 113 25.43 -9.69 -21.46
C PHE A 113 23.93 -9.91 -21.26
N GLY A 114 23.12 -8.90 -21.57
CA GLY A 114 21.68 -9.03 -21.49
C GLY A 114 21.16 -10.09 -22.43
N GLU A 115 21.70 -10.14 -23.64
CA GLU A 115 21.30 -11.18 -24.60
C GLU A 115 21.68 -12.59 -24.11
N ILE A 116 22.86 -12.72 -23.54
CA ILE A 116 23.31 -14.00 -22.98
C ILE A 116 22.41 -14.42 -21.82
N LEU A 117 22.09 -13.47 -20.95
CA LEU A 117 21.22 -13.75 -19.82
C LEU A 117 19.85 -14.21 -20.29
N LYS A 118 19.28 -13.56 -21.30
CA LYS A 118 17.99 -14.05 -21.83
C LYS A 118 18.10 -15.49 -22.31
N ARG A 119 19.19 -15.83 -22.98
CA ARG A 119 19.40 -17.18 -23.46
C ARG A 119 19.50 -18.14 -22.28
N LYS A 120 20.25 -17.78 -21.24
CA LYS A 120 20.40 -18.67 -20.09
C LYS A 120 19.09 -18.86 -19.34
N ALA A 121 18.29 -17.81 -19.21
CA ALA A 121 17.00 -17.96 -18.53
C ALA A 121 16.10 -18.90 -19.30
N ALA A 122 16.10 -18.79 -20.62
CA ALA A 122 15.34 -19.67 -21.48
C ALA A 122 15.83 -21.12 -21.38
N ASP A 123 17.15 -21.29 -21.34
CA ASP A 123 17.75 -22.62 -21.19
C ASP A 123 17.35 -23.28 -19.86
N ALA A 124 17.12 -22.45 -18.84
CA ALA A 124 16.66 -22.91 -17.52
C ALA A 124 15.15 -23.12 -17.47
N HIS A 125 14.46 -22.87 -18.57
CA HIS A 125 13.02 -23.05 -18.71
C HIS A 125 12.19 -22.12 -17.81
N VAL A 126 12.80 -21.02 -17.41
CA VAL A 126 12.10 -19.98 -16.68
C VAL A 126 11.51 -19.03 -17.70
N ASP A 127 10.33 -18.49 -17.41
CA ASP A 127 9.69 -17.51 -18.31
C ASP A 127 10.11 -16.11 -17.84
N ALA A 128 11.28 -15.68 -18.32
CA ALA A 128 11.82 -14.40 -17.91
C ALA A 128 11.34 -13.30 -18.81
N HIS A 129 10.82 -12.23 -18.20
CA HIS A 129 10.42 -11.00 -18.93
C HIS A 129 11.13 -9.87 -18.26
N TYR A 130 12.14 -9.35 -18.93
CA TYR A 130 12.99 -8.33 -18.35
C TYR A 130 12.58 -6.94 -18.85
N TYR A 131 12.66 -5.96 -17.96
CA TYR A 131 12.65 -4.55 -18.34
C TYR A 131 14.03 -4.21 -18.87
N GLU A 132 14.07 -3.72 -20.11
CA GLU A 132 15.34 -3.39 -20.75
C GLU A 132 15.51 -1.87 -20.81
N GLN A 133 16.70 -1.40 -20.45
CA GLN A 133 17.03 0.02 -20.52
C GLN A 133 18.47 0.19 -20.97
N ASN A 134 18.84 1.42 -21.37
CA ASN A 134 20.14 1.73 -22.00
C ASN A 134 21.15 2.46 -21.13
N GLU A 135 20.75 2.89 -19.94
CA GLU A 135 21.62 3.71 -19.08
C GLU A 135 22.65 2.87 -18.33
N GLN A 136 22.29 1.65 -17.94
CA GLN A 136 23.17 0.80 -17.16
C GLN A 136 23.37 -0.52 -17.86
N PRO A 137 24.57 -1.12 -17.76
CA PRO A 137 24.75 -2.46 -18.31
C PRO A 137 24.02 -3.52 -17.48
N THR A 138 23.81 -4.68 -18.06
CA THR A 138 23.27 -5.83 -17.33
C THR A 138 24.13 -6.14 -16.11
N GLY A 139 23.47 -6.45 -15.01
CA GLY A 139 24.18 -6.83 -13.81
C GLY A 139 24.89 -8.15 -14.00
N THR A 140 26.00 -8.31 -13.31
CA THR A 140 26.83 -9.47 -13.45
C THR A 140 27.35 -9.94 -12.10
N CYS A 141 27.71 -11.24 -12.04
CA CYS A 141 28.40 -11.78 -10.87
C CYS A 141 29.48 -12.72 -11.38
N ALA A 142 30.74 -12.36 -11.12
CA ALA A 142 31.87 -13.16 -11.58
C ALA A 142 32.30 -14.08 -10.45
N ALA A 143 32.50 -15.36 -10.77
CA ALA A 143 33.16 -16.33 -9.89
C ALA A 143 34.51 -16.64 -10.47
N CYS A 144 35.56 -16.10 -9.86
CA CYS A 144 36.91 -16.16 -10.38
C CYS A 144 37.66 -17.21 -9.60
N ILE A 145 37.81 -18.38 -10.24
CA ILE A 145 38.25 -19.60 -9.58
C ILE A 145 39.76 -19.78 -9.71
N THR A 146 40.41 -20.09 -8.60
CA THR A 146 41.81 -20.53 -8.61
C THR A 146 41.93 -21.70 -7.66
N GLY A 147 42.31 -22.86 -8.17
CA GLY A 147 42.34 -24.10 -7.40
C GLY A 147 40.98 -24.37 -6.79
N GLY A 148 40.95 -24.59 -5.48
CA GLY A 148 39.70 -24.79 -4.74
C GLY A 148 39.07 -23.49 -4.24
N ASN A 149 39.64 -22.35 -4.62
CA ASN A 149 39.16 -21.05 -4.15
C ASN A 149 38.28 -20.41 -5.19
N ARG A 150 37.43 -19.48 -4.77
CA ARG A 150 36.73 -18.67 -5.76
C ARG A 150 36.45 -17.28 -5.21
N SER A 151 36.73 -16.29 -6.05
CA SER A 151 36.54 -14.92 -5.70
C SER A 151 35.28 -14.43 -6.38
N LEU A 152 34.33 -13.92 -5.61
CA LEU A 152 33.05 -13.44 -6.17
C LEU A 152 33.01 -11.94 -6.25
N VAL A 153 32.65 -11.42 -7.43
CA VAL A 153 32.49 -9.97 -7.62
C VAL A 153 31.16 -9.72 -8.31
N ALA A 154 30.27 -9.01 -7.63
CA ALA A 154 28.94 -8.71 -8.14
C ALA A 154 28.78 -7.25 -8.44
N ASN A 155 28.17 -6.96 -9.57
CA ASN A 155 27.89 -5.60 -9.99
C ASN A 155 26.42 -5.56 -10.36
N LEU A 156 25.60 -4.91 -9.53
CA LEU A 156 24.15 -4.95 -9.70
C LEU A 156 23.70 -4.20 -10.96
N ALA A 157 24.26 -3.01 -11.19
CA ALA A 157 24.07 -2.24 -12.41
C ALA A 157 22.58 -2.14 -12.78
N ALA A 158 22.18 -2.61 -13.96
CA ALA A 158 20.81 -2.52 -14.41
C ALA A 158 19.78 -3.08 -13.44
N ALA A 159 20.16 -4.06 -12.62
CA ALA A 159 19.17 -4.65 -11.70
C ALA A 159 18.55 -3.58 -10.80
N ASN A 160 19.31 -2.52 -10.50
CA ASN A 160 18.83 -1.44 -9.63
C ASN A 160 17.90 -0.48 -10.34
N CYS A 161 17.65 -0.68 -11.63
CA CYS A 161 16.97 0.32 -12.46
C CYS A 161 15.55 -0.07 -12.85
N TYR A 162 14.99 -1.10 -12.19
CA TYR A 162 13.64 -1.59 -12.56
C TYR A 162 12.58 -0.53 -12.36
N LYS A 163 11.75 -0.32 -13.39
CA LYS A 163 10.69 0.70 -13.36
C LYS A 163 9.34 0.03 -13.41
N LYS A 164 8.67 0.01 -12.26
CA LYS A 164 7.30 -0.48 -12.16
C LYS A 164 6.39 -0.02 -13.30
N GLU A 165 6.38 1.28 -13.55
CA GLU A 165 5.40 1.84 -14.45
C GLU A 165 5.69 1.49 -15.91
N LYS A 166 6.92 1.07 -16.20
CA LYS A 166 7.33 0.76 -17.55
C LYS A 166 7.43 -0.73 -17.82
N HIS A 167 7.07 -1.54 -16.84
CA HIS A 167 7.19 -2.99 -17.00
C HIS A 167 6.06 -3.73 -16.29
N LEU A 168 6.11 -3.82 -14.96
CA LEU A 168 5.08 -4.51 -14.17
C LEU A 168 3.66 -4.06 -14.52
N ASP A 169 3.48 -2.76 -14.74
CA ASP A 169 2.14 -2.21 -14.90
C ASP A 169 1.57 -2.41 -16.30
N LEU A 170 2.42 -2.78 -17.26
CA LEU A 170 1.92 -3.04 -18.61
C LEU A 170 1.11 -4.34 -18.58
N GLU A 171 -0.06 -4.36 -19.22
CA GLU A 171 -0.95 -5.51 -19.16
C GLU A 171 -0.26 -6.81 -19.57
N ARG A 172 0.57 -6.79 -20.61
CA ARG A 172 1.20 -8.02 -21.09
C ARG A 172 2.06 -8.67 -20.01
N ASN A 173 2.59 -7.86 -19.09
CA ASN A 173 3.36 -8.38 -17.95
C ASN A 173 2.50 -8.62 -16.73
N TRP A 174 1.60 -7.70 -16.41
CA TRP A 174 0.72 -7.84 -15.25
C TRP A 174 -0.09 -9.13 -15.34
N VAL A 175 -0.55 -9.49 -16.53
CA VAL A 175 -1.35 -10.71 -16.64
C VAL A 175 -0.55 -11.94 -16.19
N LEU A 176 0.77 -11.93 -16.40
CA LEU A 176 1.60 -13.05 -15.91
C LEU A 176 1.63 -13.09 -14.39
N VAL A 177 1.63 -11.92 -13.73
CA VAL A 177 1.46 -11.89 -12.29
C VAL A 177 0.12 -12.54 -11.90
N GLU A 178 -0.93 -12.21 -12.63
CA GLU A 178 -2.25 -12.72 -12.36
C GLU A 178 -2.39 -14.22 -12.60
N LYS A 179 -1.48 -14.81 -13.39
CA LYS A 179 -1.53 -16.24 -13.60
C LYS A 179 -1.02 -17.05 -12.41
N ALA A 180 -0.27 -16.44 -11.51
CA ALA A 180 0.39 -17.20 -10.46
C ALA A 180 -0.56 -17.65 -9.34
N ARG A 181 -0.22 -18.80 -8.77
CA ARG A 181 -0.75 -19.20 -7.48
C ARG A 181 0.15 -18.80 -6.32
N VAL A 182 1.45 -18.70 -6.56
CA VAL A 182 2.44 -18.44 -5.52
C VAL A 182 3.39 -17.37 -6.03
N TYR A 183 3.69 -16.44 -5.14
CA TYR A 183 4.62 -15.33 -5.40
C TYR A 183 5.81 -15.43 -4.48
N TYR A 184 7.01 -15.09 -5.00
CA TYR A 184 8.20 -15.02 -4.17
C TYR A 184 9.05 -13.86 -4.60
N ILE A 185 9.37 -12.98 -3.65
CA ILE A 185 10.25 -11.84 -3.92
C ILE A 185 11.29 -11.76 -2.81
N ALA A 186 12.57 -11.73 -3.19
CA ALA A 186 13.61 -11.52 -2.19
C ALA A 186 13.49 -10.11 -1.64
N GLY A 187 13.73 -9.95 -0.35
CA GLY A 187 13.77 -8.65 0.27
C GLY A 187 14.79 -7.70 -0.33
N PHE A 188 15.83 -8.21 -0.99
CA PHE A 188 16.72 -7.34 -1.76
C PHE A 188 15.96 -6.39 -2.68
N PHE A 189 14.83 -6.85 -3.25
CA PHE A 189 14.13 -6.01 -4.22
C PHE A 189 13.41 -4.82 -3.58
N LEU A 190 13.25 -4.84 -2.25
CA LEU A 190 12.75 -3.68 -1.51
C LEU A 190 13.68 -2.46 -1.65
N THR A 191 14.94 -2.71 -2.01
CA THR A 191 15.89 -1.61 -2.19
C THR A 191 15.80 -0.98 -3.57
N VAL A 192 15.05 -1.61 -4.48
CA VAL A 192 14.95 -1.19 -5.87
C VAL A 192 13.57 -0.65 -6.20
N SER A 193 12.54 -1.49 -6.06
CA SER A 193 11.18 -1.09 -6.39
C SER A 193 10.21 -1.59 -5.34
N PRO A 194 10.26 -0.99 -4.15
CA PRO A 194 9.29 -1.39 -3.15
C PRO A 194 7.84 -1.21 -3.61
N GLU A 195 7.55 -0.24 -4.48
CA GLU A 195 6.18 -0.12 -4.97
C GLU A 195 5.76 -1.33 -5.83
N SER A 196 6.70 -1.94 -6.55
CA SER A 196 6.38 -3.18 -7.26
C SER A 196 6.03 -4.30 -6.28
N VAL A 197 6.84 -4.44 -5.23
CA VAL A 197 6.63 -5.47 -4.23
C VAL A 197 5.26 -5.28 -3.60
N LEU A 198 4.94 -4.04 -3.23
CA LEU A 198 3.66 -3.77 -2.60
C LEU A 198 2.48 -4.09 -3.51
N LYS A 199 2.63 -3.78 -4.80
CA LYS A 199 1.53 -4.02 -5.71
C LYS A 199 1.26 -5.53 -5.87
N VAL A 200 2.33 -6.30 -6.04
CA VAL A 200 2.16 -7.76 -6.13
C VAL A 200 1.58 -8.33 -4.84
N ALA A 201 2.08 -7.88 -3.70
CA ALA A 201 1.60 -8.33 -2.41
C ALA A 201 0.11 -8.01 -2.23
N ARG A 202 -0.29 -6.77 -2.61
CA ARG A 202 -1.70 -6.39 -2.54
CA ARG A 202 -1.69 -6.38 -2.53
C ARG A 202 -2.57 -7.32 -3.39
N TYR A 203 -2.10 -7.61 -4.61
CA TYR A 203 -2.83 -8.50 -5.49
C TYR A 203 -2.99 -9.88 -4.85
N ALA A 204 -1.93 -10.38 -4.25
CA ALA A 204 -1.99 -11.68 -3.59
C ALA A 204 -3.03 -11.70 -2.46
N ALA A 205 -3.06 -10.64 -1.67
CA ALA A 205 -4.06 -10.55 -0.60
C ALA A 205 -5.46 -10.45 -1.17
N GLU A 206 -5.64 -9.63 -2.20
CA GLU A 206 -6.98 -9.44 -2.81
C GLU A 206 -7.55 -10.74 -3.38
N ASN A 207 -6.66 -11.62 -3.82
CA ASN A 207 -7.05 -12.82 -4.52
C ASN A 207 -6.82 -14.10 -3.70
N ASN A 208 -6.48 -13.92 -2.43
CA ASN A 208 -6.20 -15.07 -1.57
C ASN A 208 -5.22 -16.04 -2.20
N ARG A 209 -4.08 -15.48 -2.61
CA ARG A 209 -2.98 -16.28 -3.13
C ARG A 209 -1.80 -16.16 -2.21
N VAL A 210 -0.86 -17.06 -2.32
CA VAL A 210 0.24 -17.16 -1.37
C VAL A 210 1.38 -16.23 -1.76
N PHE A 211 1.67 -15.26 -0.89
CA PHE A 211 2.77 -14.33 -1.11
C PHE A 211 3.91 -14.63 -0.14
N THR A 212 5.11 -14.77 -0.69
CA THR A 212 6.27 -15.16 0.10
C THR A 212 7.42 -14.18 -0.14
N LEU A 213 8.24 -14.02 0.89
CA LEU A 213 9.28 -12.99 0.91
C LEU A 213 10.46 -13.49 1.70
N ASN A 214 11.67 -13.09 1.28
CA ASN A 214 12.90 -13.41 2.02
C ASN A 214 13.40 -12.16 2.76
N LEU A 215 13.81 -12.33 4.01
CA LEU A 215 14.54 -11.26 4.71
C LEU A 215 15.84 -10.85 4.00
N SER A 216 16.44 -11.82 3.30
CA SER A 216 17.58 -11.61 2.36
C SER A 216 18.94 -11.25 2.95
N ALA A 217 19.00 -10.28 3.86
CA ALA A 217 20.27 -9.85 4.48
C ALA A 217 19.95 -8.99 5.66
N PRO A 218 20.84 -8.99 6.67
CA PRO A 218 20.58 -8.12 7.83
C PRO A 218 20.30 -6.66 7.48
N PHE A 219 21.01 -6.09 6.49
CA PHE A 219 20.87 -4.66 6.22
C PHE A 219 19.44 -4.30 5.76
N ILE A 220 18.70 -5.27 5.22
CA ILE A 220 17.32 -5.01 4.83
C ILE A 220 16.48 -4.64 6.04
N SER A 221 16.64 -5.37 7.14
CA SER A 221 15.91 -5.12 8.36
C SER A 221 16.37 -3.88 9.10
N GLN A 222 17.58 -3.41 8.82
CA GLN A 222 18.11 -2.19 9.46
C GLN A 222 17.77 -0.94 8.70
N PHE A 223 18.02 -0.96 7.40
CA PHE A 223 17.95 0.24 6.56
C PHE A 223 16.69 0.33 5.70
N PHE A 224 15.99 -0.78 5.49
CA PHE A 224 14.79 -0.80 4.66
C PHE A 224 13.60 -1.31 5.47
N LYS A 225 13.61 -1.01 6.77
CA LYS A 225 12.56 -1.51 7.63
C LYS A 225 11.18 -0.92 7.31
N GLU A 226 11.13 0.31 6.79
CA GLU A 226 9.84 0.89 6.42
C GLU A 226 9.17 0.03 5.34
N ALA A 227 9.90 -0.22 4.25
CA ALA A 227 9.36 -1.02 3.17
C ALA A 227 9.07 -2.43 3.63
N LEU A 228 9.97 -3.01 4.42
CA LEU A 228 9.81 -4.37 4.91
C LEU A 228 8.55 -4.53 5.74
N MET A 229 8.32 -3.59 6.65
CA MET A 229 7.15 -3.67 7.53
C MET A 229 5.87 -3.25 6.81
N ASP A 230 5.99 -2.49 5.72
CA ASP A 230 4.83 -2.19 4.87
CA ASP A 230 4.83 -2.19 4.88
C ASP A 230 4.33 -3.45 4.18
N VAL A 231 5.26 -4.30 3.74
CA VAL A 231 4.93 -5.54 3.03
CA VAL A 231 4.88 -5.52 3.03
C VAL A 231 4.54 -6.69 3.97
N MET A 232 5.11 -6.68 5.19
CA MET A 232 4.94 -7.81 6.09
C MET A 232 3.49 -8.28 6.30
N PRO A 233 2.51 -7.38 6.40
CA PRO A 233 1.14 -7.89 6.61
C PRO A 233 0.59 -8.73 5.48
N TYR A 234 1.25 -8.67 4.33
CA TYR A 234 0.85 -9.40 3.13
C TYR A 234 1.59 -10.71 2.99
N VAL A 235 2.52 -11.00 3.88
CA VAL A 235 3.41 -12.16 3.73
C VAL A 235 2.79 -13.39 4.38
N ASP A 236 2.51 -14.38 3.54
CA ASP A 236 2.05 -15.70 3.97
C ASP A 236 3.18 -16.58 4.42
N ILE A 237 4.34 -16.51 3.75
CA ILE A 237 5.52 -17.26 4.16
C ILE A 237 6.70 -16.33 4.15
N LEU A 238 7.31 -16.16 5.34
CA LEU A 238 8.52 -15.39 5.51
C LEU A 238 9.69 -16.34 5.61
N PHE A 239 10.64 -16.22 4.67
CA PHE A 239 11.87 -16.99 4.68
C PHE A 239 13.00 -16.13 5.22
N GLY A 240 13.95 -16.76 5.90
CA GLY A 240 15.18 -16.07 6.27
C GLY A 240 16.14 -17.03 6.91
N ASN A 241 17.23 -16.51 7.41
CA ASN A 241 18.22 -17.29 8.15
C ASN A 241 18.39 -16.72 9.54
N GLU A 242 19.23 -17.38 10.34
CA GLU A 242 19.39 -17.02 11.73
C GLU A 242 19.95 -15.59 11.93
N THR A 243 20.85 -15.18 11.05
CA THR A 243 21.46 -13.87 11.20
C THR A 243 20.46 -12.75 10.87
N GLU A 244 19.69 -12.95 9.82
CA GLU A 244 18.63 -12.00 9.47
C GLU A 244 17.59 -11.93 10.57
N ALA A 245 17.21 -13.11 11.10
CA ALA A 245 16.21 -13.20 12.18
C ALA A 245 16.66 -12.39 13.40
N ALA A 246 17.93 -12.49 13.74
CA ALA A 246 18.47 -11.80 14.91
C ALA A 246 18.36 -10.28 14.72
N THR A 247 18.71 -9.82 13.52
CA THR A 247 18.64 -8.39 13.22
C THR A 247 17.21 -7.88 13.19
N PHE A 248 16.34 -8.65 12.53
CA PHE A 248 14.92 -8.34 12.49
C PHE A 248 14.32 -8.20 13.91
N ALA A 249 14.63 -9.15 14.76
CA ALA A 249 14.13 -9.13 16.14
C ALA A 249 14.58 -7.87 16.87
N ARG A 250 15.84 -7.51 16.72
CA ARG A 250 16.37 -6.33 17.40
C ARG A 250 15.69 -5.06 16.88
N GLU A 251 15.55 -4.96 15.57
CA GLU A 251 14.97 -3.78 14.93
C GLU A 251 13.48 -3.63 15.23
N GLN A 252 12.79 -4.74 15.44
CA GLN A 252 11.34 -4.74 15.70
C GLN A 252 11.00 -4.81 17.21
N GLY A 253 12.01 -4.78 18.06
CA GLY A 253 11.79 -4.71 19.49
C GLY A 253 11.21 -5.98 20.08
N PHE A 254 11.62 -7.13 19.54
CA PHE A 254 11.09 -8.41 20.00
C PHE A 254 11.55 -8.82 21.40
N GLU A 255 12.65 -8.25 21.87
CA GLU A 255 13.15 -8.50 23.24
C GLU A 255 13.49 -9.98 23.47
N THR A 256 13.91 -10.67 22.42
CA THR A 256 14.39 -12.04 22.52
C THR A 256 15.43 -12.28 21.45
N LYS A 257 16.41 -13.13 21.78
CA LYS A 257 17.42 -13.61 20.85
C LYS A 257 17.21 -15.08 20.47
N ASP A 258 16.17 -15.72 21.00
CA ASP A 258 15.92 -17.14 20.76
C ASP A 258 15.23 -17.29 19.41
N ILE A 259 15.83 -18.05 18.50
CA ILE A 259 15.31 -18.18 17.13
C ILE A 259 13.87 -18.71 17.07
N LYS A 260 13.51 -19.65 17.93
CA LYS A 260 12.15 -20.16 17.93
C LYS A 260 11.17 -19.07 18.37
N GLU A 261 11.53 -18.32 19.41
CA GLU A 261 10.70 -17.22 19.88
C GLU A 261 10.58 -16.11 18.84
N ILE A 262 11.69 -15.81 18.15
CA ILE A 262 11.66 -14.82 17.05
C ILE A 262 10.69 -15.29 15.96
N ALA A 263 10.79 -16.57 15.58
CA ALA A 263 9.91 -17.11 14.56
C ALA A 263 8.44 -17.03 14.99
N LYS A 264 8.16 -17.37 16.25
CA LYS A 264 6.80 -17.30 16.79
C LYS A 264 6.27 -15.86 16.75
N LYS A 265 7.08 -14.91 17.17
CA LYS A 265 6.66 -13.52 17.19
C LYS A 265 6.48 -12.96 15.78
N ALA A 266 7.36 -13.31 14.85
CA ALA A 266 7.18 -12.89 13.47
C ALA A 266 5.91 -13.48 12.89
N GLN A 267 5.62 -14.74 13.26
CA GLN A 267 4.43 -15.42 12.73
C GLN A 267 3.16 -14.66 13.11
N ALA A 268 3.16 -14.10 14.32
CA ALA A 268 2.01 -13.41 14.90
C ALA A 268 1.92 -11.93 14.56
N LEU A 269 2.76 -11.42 13.66
CA LEU A 269 2.67 -10.05 13.27
C LEU A 269 1.34 -9.79 12.54
N PRO A 270 0.90 -8.53 12.49
CA PRO A 270 -0.35 -8.20 11.80
C PRO A 270 -0.41 -8.80 10.41
N LYS A 271 -1.60 -9.23 10.00
CA LYS A 271 -1.75 -9.91 8.72
C LYS A 271 -3.11 -9.57 8.13
N VAL A 272 -3.12 -9.15 6.87
CA VAL A 272 -4.37 -8.72 6.23
C VAL A 272 -5.25 -9.85 5.72
N ASN A 273 -4.63 -10.93 5.21
CA ASN A 273 -5.39 -12.06 4.70
C ASN A 273 -5.49 -13.12 5.79
N SER A 274 -6.61 -13.09 6.49
CA SER A 274 -6.78 -14.05 7.58
CA SER A 274 -6.94 -14.02 7.58
C SER A 274 -7.33 -15.41 7.11
N LYS A 275 -7.50 -15.60 5.81
CA LYS A 275 -7.83 -16.91 5.24
C LYS A 275 -6.61 -17.83 5.23
N ARG A 276 -5.40 -17.28 5.41
CA ARG A 276 -4.18 -18.06 5.41
C ARG A 276 -3.36 -17.67 6.61
N GLN A 277 -2.87 -18.66 7.32
CA GLN A 277 -2.03 -18.40 8.48
C GLN A 277 -0.63 -18.15 7.99
N ARG A 278 0.10 -17.25 8.64
CA ARG A 278 1.51 -17.06 8.26
C ARG A 278 2.35 -18.25 8.71
N THR A 279 3.36 -18.58 7.90
CA THR A 279 4.40 -19.50 8.25
C THR A 279 5.73 -18.75 8.17
N VAL A 280 6.58 -18.92 9.16
CA VAL A 280 7.90 -18.30 9.21
C VAL A 280 8.94 -19.42 9.22
N ILE A 281 9.89 -19.33 8.30
CA ILE A 281 10.88 -20.38 8.08
C ILE A 281 12.28 -19.79 8.13
N PHE A 282 13.04 -20.17 9.16
CA PHE A 282 14.39 -19.68 9.34
C PHE A 282 15.36 -20.85 9.29
N THR A 283 16.26 -20.78 8.32
CA THR A 283 17.32 -21.75 8.24
C THR A 283 18.45 -21.34 9.20
N GLN A 284 19.25 -22.34 9.60
CA GLN A 284 20.34 -22.13 10.55
C GLN A 284 21.61 -22.84 10.10
N GLY A 285 21.88 -22.81 8.81
CA GLY A 285 23.09 -23.44 8.30
C GLY A 285 23.01 -24.94 8.45
N ARG A 286 23.90 -25.54 9.22
CA ARG A 286 23.82 -26.96 9.52
C ARG A 286 22.86 -27.28 10.66
N ASP A 287 22.44 -26.26 11.42
CA ASP A 287 21.47 -26.48 12.50
C ASP A 287 20.06 -26.50 11.90
N ASP A 288 19.08 -26.85 12.73
CA ASP A 288 17.76 -27.18 12.27
C ASP A 288 17.09 -25.97 11.58
N THR A 289 16.27 -26.30 10.58
CA THR A 289 15.39 -25.29 10.01
C THR A 289 14.17 -25.14 10.92
N ILE A 290 13.88 -23.90 11.30
CA ILE A 290 12.83 -23.60 12.26
C ILE A 290 11.61 -23.11 11.54
N VAL A 291 10.46 -23.73 11.80
CA VAL A 291 9.21 -23.36 11.15
C VAL A 291 8.17 -23.00 12.19
N ALA A 292 7.73 -21.75 12.21
CA ALA A 292 6.63 -21.29 13.07
C ALA A 292 5.38 -21.18 12.26
N ALA A 293 4.32 -21.82 12.73
CA ALA A 293 3.01 -21.73 12.10
C ALA A 293 2.01 -21.29 13.19
N GLU A 294 0.72 -21.38 12.92
CA GLU A 294 -0.25 -20.75 13.82
C GLU A 294 -0.19 -21.31 15.23
N ASN A 295 -0.05 -22.62 15.36
CA ASN A 295 -0.16 -23.22 16.68
C ASN A 295 1.07 -23.90 17.21
N ASP A 296 2.18 -23.82 16.48
CA ASP A 296 3.39 -24.48 16.94
C ASP A 296 4.62 -24.01 16.19
N VAL A 297 5.76 -24.36 16.76
CA VAL A 297 7.07 -24.16 16.16
C VAL A 297 7.69 -25.55 16.09
N THR A 298 8.20 -25.89 14.92
CA THR A 298 8.76 -27.21 14.63
C THR A 298 10.18 -27.05 14.09
N ALA A 299 11.08 -27.92 14.50
CA ALA A 299 12.45 -27.92 14.02
C ALA A 299 12.65 -29.09 13.05
N PHE A 300 13.21 -28.81 11.88
CA PHE A 300 13.47 -29.81 10.86
C PHE A 300 14.98 -29.99 10.73
N PRO A 301 15.53 -31.15 11.14
CA PRO A 301 16.95 -31.37 11.04
C PRO A 301 17.46 -31.32 9.60
N VAL A 302 18.69 -30.86 9.48
CA VAL A 302 19.43 -30.89 8.22
C VAL A 302 20.21 -32.21 8.25
N LEU A 303 19.78 -33.15 7.42
CA LEU A 303 20.42 -34.48 7.43
C LEU A 303 21.74 -34.54 6.71
N ASP A 304 21.99 -33.59 5.81
CA ASP A 304 23.30 -33.48 5.13
C ASP A 304 24.31 -32.79 6.01
N GLN A 305 25.17 -33.58 6.66
CA GLN A 305 26.17 -33.07 7.59
C GLN A 305 27.59 -33.36 7.14
N ASN A 306 27.78 -33.73 5.87
CA ASN A 306 29.14 -33.97 5.39
C ASN A 306 29.79 -32.65 4.98
N GLN A 307 30.26 -31.94 6.01
CA GLN A 307 30.78 -30.59 5.86
C GLN A 307 31.93 -30.53 4.89
N GLU A 308 32.71 -31.61 4.83
CA GLU A 308 33.92 -31.62 4.03
C GLU A 308 33.63 -31.69 2.52
N GLU A 309 32.41 -32.07 2.17
CA GLU A 309 31.98 -32.09 0.76
C GLU A 309 31.42 -30.74 0.32
N ILE A 310 31.21 -29.81 1.26
CA ILE A 310 30.66 -28.51 0.92
C ILE A 310 31.75 -27.67 0.31
N ILE A 311 31.57 -27.28 -0.93
CA ILE A 311 32.59 -26.45 -1.56
C ILE A 311 32.22 -24.97 -1.63
N ASP A 312 30.94 -24.62 -1.54
CA ASP A 312 30.54 -23.23 -1.73
C ASP A 312 29.16 -23.06 -1.15
N THR A 313 28.98 -22.20 -0.14
CA THR A 313 27.64 -22.01 0.40
C THR A 313 26.85 -20.91 -0.32
N ASN A 314 27.45 -20.23 -1.29
CA ASN A 314 26.72 -19.16 -2.00
CA ASN A 314 26.77 -19.17 -2.04
C ASN A 314 25.55 -19.74 -2.77
N GLY A 315 24.38 -19.18 -2.50
CA GLY A 315 23.17 -19.63 -3.15
C GLY A 315 22.45 -20.73 -2.40
N ALA A 316 22.95 -21.16 -1.23
CA ALA A 316 22.29 -22.25 -0.47
C ALA A 316 20.88 -21.87 -0.07
N GLY A 317 20.73 -20.64 0.39
CA GLY A 317 19.43 -20.11 0.80
C GLY A 317 18.51 -19.97 -0.39
N ASP A 318 19.05 -19.48 -1.50
CA ASP A 318 18.25 -19.32 -2.71
C ASP A 318 17.73 -20.68 -3.16
N ALA A 319 18.57 -21.70 -3.07
CA ALA A 319 18.21 -23.05 -3.48
C ALA A 319 17.21 -23.69 -2.51
N PHE A 320 17.40 -23.47 -1.21
CA PHE A 320 16.42 -23.93 -0.25
C PHE A 320 15.03 -23.38 -0.59
N VAL A 321 14.95 -22.08 -0.85
CA VAL A 321 13.65 -21.48 -1.18
C VAL A 321 13.11 -22.09 -2.47
N GLY A 322 13.97 -22.20 -3.49
CA GLY A 322 13.49 -22.77 -4.75
C GLY A 322 12.93 -24.17 -4.59
N GLY A 323 13.61 -24.99 -3.80
CA GLY A 323 13.11 -26.33 -3.54
C GLY A 323 11.80 -26.32 -2.79
N PHE A 324 11.70 -25.47 -1.78
CA PHE A 324 10.46 -25.34 -1.04
C PHE A 324 9.30 -24.96 -1.98
N LEU A 325 9.52 -23.93 -2.80
CA LEU A 325 8.50 -23.42 -3.71
C LEU A 325 8.06 -24.46 -4.73
N SER A 326 9.01 -25.31 -5.17
CA SER A 326 8.69 -26.31 -6.16
C SER A 326 7.60 -27.26 -5.70
N GLN A 327 7.54 -27.53 -4.40
CA GLN A 327 6.53 -28.38 -3.83
C GLN A 327 5.30 -27.61 -3.37
N LEU A 328 5.49 -26.38 -2.91
CA LEU A 328 4.39 -25.52 -2.48
C LEU A 328 3.38 -25.30 -3.60
N VAL A 329 3.85 -25.12 -4.84
CA VAL A 329 2.94 -24.89 -5.96
C VAL A 329 2.01 -26.06 -6.23
N SER A 330 2.37 -27.25 -5.76
CA SER A 330 1.51 -28.44 -5.86
C SER A 330 0.77 -28.74 -4.57
N ASP A 331 0.77 -27.79 -3.62
CA ASP A 331 0.09 -27.97 -2.33
C ASP A 331 0.58 -29.20 -1.58
N LYS A 332 1.86 -29.51 -1.73
CA LYS A 332 2.44 -30.62 -0.99
C LYS A 332 2.55 -30.24 0.49
N PRO A 333 2.57 -31.24 1.38
CA PRO A 333 2.70 -30.91 2.82
C PRO A 333 3.98 -30.18 3.16
N LEU A 334 3.94 -29.44 4.26
CA LEU A 334 5.11 -28.74 4.78
C LEU A 334 6.35 -29.63 4.80
N THR A 335 6.24 -30.85 5.33
CA THR A 335 7.41 -31.70 5.44
CA THR A 335 7.40 -31.74 5.43
C THR A 335 8.08 -31.93 4.07
N GLU A 336 7.28 -32.08 3.03
CA GLU A 336 7.80 -32.30 1.67
C GLU A 336 8.44 -31.05 1.09
N CYS A 337 7.85 -29.90 1.41
CA CYS A 337 8.43 -28.63 0.98
C CYS A 337 9.79 -28.43 1.63
N ILE A 338 9.89 -28.72 2.93
CA ILE A 338 11.17 -28.59 3.62
C ILE A 338 12.16 -29.61 3.06
N ARG A 339 11.72 -30.83 2.86
CA ARG A 339 12.62 -31.88 2.34
C ARG A 339 13.19 -31.47 0.97
N ALA A 340 12.35 -30.92 0.10
CA ALA A 340 12.83 -30.48 -1.21
C ALA A 340 13.80 -29.30 -1.09
N GLY A 341 13.51 -28.37 -0.18
CA GLY A 341 14.45 -27.29 0.08
C GLY A 341 15.81 -27.77 0.56
N HIS A 342 15.78 -28.68 1.54
CA HIS A 342 17.05 -29.24 2.02
C HIS A 342 17.78 -30.01 0.91
N TYR A 343 17.04 -30.75 0.08
CA TYR A 343 17.65 -31.44 -1.06
C TYR A 343 18.35 -30.47 -1.99
N ALA A 344 17.61 -29.45 -2.41
CA ALA A 344 18.16 -28.51 -3.38
C ALA A 344 19.41 -27.83 -2.83
N ALA A 345 19.36 -27.40 -1.56
CA ALA A 345 20.54 -26.79 -0.97
C ALA A 345 21.73 -27.75 -0.98
N SER A 346 21.47 -29.03 -0.66
CA SER A 346 22.56 -29.99 -0.63
C SER A 346 23.23 -30.19 -1.96
N VAL A 347 22.47 -30.04 -3.05
CA VAL A 347 23.01 -30.15 -4.40
C VAL A 347 23.86 -28.91 -4.73
N ILE A 348 23.30 -27.73 -4.45
CA ILE A 348 23.94 -26.48 -4.84
C ILE A 348 25.26 -26.25 -4.13
N ILE A 349 25.35 -26.65 -2.85
CA ILE A 349 26.56 -26.34 -2.07
C ILE A 349 27.73 -27.26 -2.39
N ARG A 350 27.51 -28.24 -3.27
CA ARG A 350 28.59 -29.07 -3.79
C ARG A 350 29.07 -28.62 -5.18
N ARG A 351 28.61 -27.46 -5.62
CA ARG A 351 28.95 -26.89 -6.91
CA ARG A 351 28.93 -26.90 -6.92
C ARG A 351 29.23 -25.42 -6.75
N THR A 352 30.02 -24.86 -7.68
CA THR A 352 30.23 -23.42 -7.65
C THR A 352 28.90 -22.72 -7.90
N GLY A 353 28.52 -21.88 -6.96
CA GLY A 353 27.33 -21.08 -7.07
C GLY A 353 26.06 -21.90 -7.08
N CYS A 354 24.99 -21.28 -7.52
CA CYS A 354 23.67 -21.88 -7.51
C CYS A 354 23.42 -22.59 -8.82
N THR A 355 24.09 -23.72 -8.98
CA THR A 355 23.99 -24.55 -10.18
C THR A 355 23.67 -25.99 -9.77
N PHE A 356 23.31 -26.79 -10.77
CA PHE A 356 22.75 -28.11 -10.49
C PHE A 356 22.85 -28.96 -11.75
N PRO A 357 22.80 -30.29 -11.60
CA PRO A 357 22.86 -31.14 -12.76
C PRO A 357 21.61 -31.03 -13.62
N GLU A 358 21.67 -31.61 -14.81
CA GLU A 358 20.56 -31.48 -15.77
C GLU A 358 19.19 -31.85 -15.17
N LYS A 359 19.12 -32.97 -14.46
CA LYS A 359 17.85 -33.47 -13.94
C LYS A 359 17.95 -33.62 -12.43
N PRO A 360 16.84 -33.36 -11.71
CA PRO A 360 16.81 -33.60 -10.26
C PRO A 360 16.66 -35.06 -9.94
N ASP A 361 17.07 -35.42 -8.72
CA ASP A 361 16.87 -36.77 -8.18
C ASP A 361 16.21 -36.64 -6.82
N PHE A 362 15.13 -35.87 -6.78
CA PHE A 362 14.34 -35.72 -5.58
C PHE A 362 13.19 -36.70 -5.66
N HIS A 363 13.11 -37.60 -4.68
CA HIS A 363 12.09 -38.64 -4.67
C HIS A 363 11.44 -38.64 -3.31
N ALA B 21 -18.55 3.20 26.57
CA ALA B 21 -17.86 4.53 26.72
C ALA B 21 -16.74 4.72 25.70
N LEU B 22 -16.93 5.67 24.79
CA LEU B 22 -15.97 5.89 23.72
C LEU B 22 -14.73 6.56 24.24
N SER B 23 -13.60 6.20 23.66
CA SER B 23 -12.35 6.88 23.93
C SER B 23 -12.23 8.15 23.11
N GLU B 24 -11.39 9.07 23.59
CA GLU B 24 -11.02 10.22 22.77
C GLU B 24 -10.27 9.76 21.53
N ASN B 25 -10.46 10.49 20.44
CA ASN B 25 -9.76 10.22 19.18
C ASN B 25 -10.15 8.89 18.57
N VAL B 26 -11.34 8.38 18.89
CA VAL B 26 -11.82 7.12 18.35
C VAL B 26 -12.14 7.22 16.86
N LEU B 27 -12.44 8.41 16.37
CA LEU B 27 -12.74 8.67 14.97
C LEU B 27 -11.71 9.62 14.42
N PHE B 28 -11.10 9.26 13.29
CA PHE B 28 -10.06 10.06 12.68
C PHE B 28 -10.49 10.49 11.30
N GLY B 29 -10.35 11.79 11.03
CA GLY B 29 -10.51 12.33 9.71
C GLY B 29 -9.32 13.16 9.29
N MET B 30 -9.08 13.21 7.97
CA MET B 30 -8.13 14.17 7.43
C MET B 30 -8.62 14.65 6.08
N GLY B 31 -8.29 15.89 5.76
CA GLY B 31 -8.81 16.49 4.56
C GLY B 31 -8.39 17.93 4.45
N ASN B 32 -9.27 18.71 3.84
CA ASN B 32 -8.97 20.09 3.43
C ASN B 32 -9.78 21.04 4.30
N PRO B 33 -9.18 21.59 5.34
CA PRO B 33 -9.96 22.46 6.21
C PRO B 33 -10.18 23.84 5.59
N LEU B 34 -11.38 24.38 5.79
CA LEU B 34 -11.71 25.74 5.35
C LEU B 34 -12.35 26.46 6.51
N LEU B 35 -12.04 27.75 6.64
CA LEU B 35 -12.80 28.60 7.52
C LEU B 35 -14.03 29.11 6.78
N ASP B 36 -15.21 28.73 7.26
CA ASP B 36 -16.46 29.25 6.73
C ASP B 36 -16.71 30.62 7.31
N ILE B 37 -17.08 31.55 6.44
CA ILE B 37 -17.43 32.90 6.82
C ILE B 37 -18.80 33.19 6.19
N SER B 38 -19.85 33.35 7.00
CA SER B 38 -21.19 33.63 6.47
C SER B 38 -21.67 35.00 6.90
N ALA B 39 -22.33 35.70 5.98
CA ALA B 39 -22.87 37.01 6.26
C ALA B 39 -23.99 37.32 5.30
N VAL B 40 -24.92 38.14 5.76
CA VAL B 40 -25.89 38.77 4.88
C VAL B 40 -25.20 39.97 4.24
N VAL B 41 -25.09 39.95 2.91
CA VAL B 41 -24.38 41.03 2.20
C VAL B 41 -25.42 41.88 1.50
N ASP B 42 -24.97 42.74 0.59
CA ASP B 42 -25.87 43.56 -0.22
C ASP B 42 -25.53 43.40 -1.69
N LYS B 43 -26.37 44.02 -2.51
CA LYS B 43 -26.26 43.95 -3.96
C LYS B 43 -24.91 44.47 -4.44
N ASP B 44 -24.45 45.57 -3.83
CA ASP B 44 -23.20 46.19 -4.24
C ASP B 44 -22.02 45.25 -4.04
N PHE B 45 -22.01 44.51 -2.94
CA PHE B 45 -20.94 43.54 -2.69
C PHE B 45 -20.93 42.44 -3.75
N LEU B 46 -22.09 41.83 -3.98
CA LEU B 46 -22.17 40.79 -5.01
C LEU B 46 -21.71 41.35 -6.37
N ASP B 47 -22.18 42.55 -6.70
CA ASP B 47 -21.82 43.13 -7.99
C ASP B 47 -20.32 43.38 -8.13
N LYS B 48 -19.71 43.90 -7.05
CA LYS B 48 -18.27 44.19 -7.05
C LYS B 48 -17.43 42.96 -7.39
N TYR B 49 -17.84 41.81 -6.86
CA TYR B 49 -17.13 40.54 -7.08
C TYR B 49 -17.76 39.67 -8.16
N SER B 50 -18.65 40.27 -8.95
CA SER B 50 -19.27 39.61 -10.09
C SER B 50 -19.96 38.31 -9.72
N LEU B 51 -20.67 38.29 -8.60
CA LEU B 51 -21.39 37.11 -8.13
C LEU B 51 -22.87 37.27 -8.47
N LYS B 52 -23.45 36.29 -9.16
CA LYS B 52 -24.89 36.13 -9.15
C LYS B 52 -25.33 35.59 -7.76
N PRO B 53 -26.59 35.81 -7.37
CA PRO B 53 -26.97 35.57 -5.97
C PRO B 53 -26.87 34.12 -5.48
N ASN B 54 -26.92 33.16 -6.40
CA ASN B 54 -26.73 31.74 -6.05
C ASN B 54 -25.50 31.11 -6.73
N ASP B 55 -24.54 31.92 -7.20
CA ASP B 55 -23.30 31.36 -7.77
C ASP B 55 -22.55 30.58 -6.70
N GLN B 56 -22.00 29.42 -7.07
CA GLN B 56 -21.22 28.58 -6.15
C GLN B 56 -19.91 28.26 -6.86
N ILE B 57 -18.82 28.90 -6.44
CA ILE B 57 -17.59 28.88 -7.21
C ILE B 57 -16.33 28.68 -6.40
N LEU B 58 -15.28 28.24 -7.08
CA LEU B 58 -13.90 28.41 -6.59
C LEU B 58 -13.44 29.84 -6.85
N ALA B 59 -12.74 30.42 -5.89
CA ALA B 59 -12.23 31.78 -6.04
C ALA B 59 -11.30 31.92 -7.25
N GLU B 60 -11.53 32.97 -8.03
CA GLU B 60 -10.67 33.37 -9.13
C GLU B 60 -9.81 34.55 -8.67
N ASP B 61 -8.98 35.06 -9.55
CA ASP B 61 -8.10 36.19 -9.22
C ASP B 61 -8.88 37.40 -8.70
N LYS B 62 -10.05 37.64 -9.28
CA LYS B 62 -10.90 38.77 -8.90
C LYS B 62 -11.44 38.67 -7.48
N HIS B 63 -11.45 37.46 -6.91
CA HIS B 63 -11.98 37.24 -5.55
C HIS B 63 -10.94 37.21 -4.44
N LYS B 64 -9.67 37.45 -4.73
CA LYS B 64 -8.63 37.26 -3.72
C LYS B 64 -8.74 38.21 -2.51
N GLU B 65 -9.37 39.39 -2.70
CA GLU B 65 -9.63 40.37 -1.62
C GLU B 65 -11.03 40.25 -0.98
N LEU B 66 -11.87 39.37 -1.52
CA LEU B 66 -13.26 39.23 -1.12
C LEU B 66 -13.40 38.89 0.36
N PHE B 67 -12.59 37.97 0.85
CA PHE B 67 -12.74 37.48 2.23
C PHE B 67 -12.38 38.57 3.24
N ASP B 68 -11.32 39.32 2.96
CA ASP B 68 -10.93 40.44 3.82
C ASP B 68 -11.96 41.53 3.81
N GLU B 69 -12.48 41.88 2.64
CA GLU B 69 -13.54 42.89 2.57
C GLU B 69 -14.80 42.41 3.30
N LEU B 70 -15.14 41.14 3.12
CA LEU B 70 -16.35 40.58 3.76
C LEU B 70 -16.33 40.77 5.27
N VAL B 71 -15.20 40.44 5.89
CA VAL B 71 -15.07 40.55 7.35
C VAL B 71 -14.98 42.02 7.81
N LYS B 72 -14.40 42.89 6.99
CA LYS B 72 -14.26 44.30 7.36
C LYS B 72 -15.59 45.05 7.32
N LYS B 73 -16.46 44.73 6.36
CA LYS B 73 -17.65 45.54 6.12
C LYS B 73 -18.97 44.95 6.63
N PHE B 74 -19.00 43.65 6.95
CA PHE B 74 -20.24 43.01 7.40
C PHE B 74 -20.02 42.24 8.69
N LYS B 75 -21.09 42.08 9.44
CA LYS B 75 -21.07 41.20 10.61
C LYS B 75 -21.10 39.77 10.10
N VAL B 76 -20.12 38.98 10.52
CA VAL B 76 -19.96 37.62 10.00
C VAL B 76 -20.15 36.62 11.11
N GLU B 77 -20.40 35.39 10.70
CA GLU B 77 -20.34 34.24 11.59
C GLU B 77 -19.32 33.28 11.01
N TYR B 78 -18.48 32.72 11.88
CA TYR B 78 -17.45 31.78 11.48
C TYR B 78 -17.80 30.35 11.86
N HIS B 79 -17.39 29.39 11.02
CA HIS B 79 -17.55 27.96 11.32
C HIS B 79 -16.34 27.20 10.82
N ALA B 80 -16.06 26.06 11.46
CA ALA B 80 -15.04 25.15 10.95
C ALA B 80 -15.65 24.33 9.82
N GLY B 81 -15.03 24.36 8.64
CA GLY B 81 -15.59 23.74 7.46
C GLY B 81 -14.60 22.98 6.61
N GLY B 82 -15.00 22.80 5.36
CA GLY B 82 -14.39 21.80 4.50
C GLY B 82 -15.10 20.47 4.70
N SER B 83 -15.10 19.65 3.66
CA SER B 83 -15.95 18.46 3.66
C SER B 83 -15.69 17.49 4.82
N THR B 84 -14.44 17.00 4.92
CA THR B 84 -14.13 16.02 5.96
C THR B 84 -14.33 16.63 7.34
N GLN B 85 -13.85 17.87 7.52
CA GLN B 85 -14.00 18.52 8.80
C GLN B 85 -15.48 18.70 9.18
N ASN B 86 -16.33 18.99 8.20
CA ASN B 86 -17.77 19.05 8.42
C ASN B 86 -18.27 17.72 8.94
N SER B 87 -17.84 16.62 8.32
CA SER B 87 -18.27 15.30 8.80
C SER B 87 -17.78 15.04 10.22
N MET B 88 -16.53 15.45 10.53
CA MET B 88 -16.02 15.27 11.89
C MET B 88 -16.85 16.05 12.92
N LYS B 89 -17.16 17.31 12.63
CA LYS B 89 -17.88 18.10 13.61
C LYS B 89 -19.32 17.59 13.78
N VAL B 90 -19.95 17.13 12.70
CA VAL B 90 -21.29 16.55 12.81
C VAL B 90 -21.23 15.24 13.62
N ALA B 91 -20.24 14.40 13.34
CA ALA B 91 -20.09 13.16 14.12
C ALA B 91 -19.91 13.50 15.59
N GLN B 92 -19.02 14.45 15.89
CA GLN B 92 -18.77 14.85 17.28
C GLN B 92 -20.05 15.36 17.95
N TRP B 93 -20.83 16.13 17.21
CA TRP B 93 -22.06 16.69 17.71
C TRP B 93 -23.03 15.58 18.14
N LEU B 94 -23.16 14.54 17.31
CA LEU B 94 -24.02 13.41 17.64
C LEU B 94 -23.45 12.48 18.69
N ILE B 95 -22.12 12.35 18.74
CA ILE B 95 -21.47 11.53 19.77
C ILE B 95 -21.68 12.15 21.13
N GLN B 96 -21.53 13.47 21.20
CA GLN B 96 -21.72 14.31 22.42
C GLN B 96 -20.60 14.15 23.43
N GLU B 97 -20.36 12.93 23.89
CA GLU B 97 -19.34 12.66 24.88
C GLU B 97 -18.56 11.40 24.48
N PRO B 98 -17.23 11.41 24.60
CA PRO B 98 -16.43 12.49 25.11
C PRO B 98 -16.27 13.61 24.10
N HIS B 99 -15.91 14.79 24.58
CA HIS B 99 -15.33 15.81 23.70
C HIS B 99 -14.05 15.21 23.09
N LYS B 100 -13.72 15.65 21.88
CA LYS B 100 -12.50 15.20 21.21
C LYS B 100 -12.57 13.70 20.86
N ALA B 101 -13.79 13.19 20.66
CA ALA B 101 -13.96 11.85 20.08
C ALA B 101 -13.45 11.81 18.65
N ALA B 102 -13.63 12.92 17.93
CA ALA B 102 -13.24 13.04 16.53
C ALA B 102 -11.96 13.87 16.41
N THR B 103 -11.01 13.33 15.68
CA THR B 103 -9.76 13.97 15.33
C THR B 103 -9.84 14.51 13.90
N PHE B 104 -9.16 15.62 13.62
CA PHE B 104 -9.06 16.12 12.27
C PHE B 104 -7.67 16.65 11.98
N PHE B 105 -7.07 16.16 10.89
CA PHE B 105 -5.78 16.69 10.39
C PHE B 105 -6.01 17.37 9.02
N GLY B 106 -5.31 18.49 8.81
CA GLY B 106 -5.28 19.15 7.52
C GLY B 106 -4.34 20.35 7.61
N CYS B 107 -4.23 21.11 6.52
CA CYS B 107 -3.24 22.22 6.45
C CYS B 107 -3.94 23.58 6.50
N ILE B 108 -3.41 24.49 7.32
CA ILE B 108 -3.88 25.87 7.41
C ILE B 108 -2.66 26.80 7.27
N GLY B 109 -2.95 28.09 7.23
CA GLY B 109 -1.93 29.13 7.19
C GLY B 109 -1.66 29.65 8.57
N ILE B 110 -0.62 30.49 8.63
CA ILE B 110 -0.23 31.16 9.85
C ILE B 110 -0.74 32.58 9.68
N ASP B 111 -2.00 32.77 10.03
CA ASP B 111 -2.73 34.00 9.78
C ASP B 111 -3.91 34.10 10.73
N LYS B 112 -4.62 35.22 10.68
CA LYS B 112 -5.75 35.42 11.57
C LYS B 112 -6.85 34.41 11.30
N PHE B 113 -7.13 34.15 10.03
CA PHE B 113 -8.16 33.15 9.72
C PHE B 113 -7.81 31.75 10.29
N GLY B 114 -6.52 31.40 10.30
CA GLY B 114 -6.10 30.12 10.88
C GLY B 114 -6.33 30.09 12.38
N GLU B 115 -6.04 31.20 13.05
CA GLU B 115 -6.31 31.28 14.48
C GLU B 115 -7.81 31.15 14.78
N ILE B 116 -8.64 31.82 13.98
CA ILE B 116 -10.11 31.75 14.13
C ILE B 116 -10.58 30.31 13.89
N LEU B 117 -10.05 29.69 12.84
CA LEU B 117 -10.40 28.30 12.54
C LEU B 117 -10.05 27.35 13.69
N LYS B 118 -8.87 27.49 14.26
CA LYS B 118 -8.51 26.70 15.43
C LYS B 118 -9.51 26.86 16.57
N ARG B 119 -9.93 28.10 16.82
CA ARG B 119 -10.93 28.36 17.85
C ARG B 119 -12.26 27.67 17.53
N LYS B 120 -12.70 27.75 16.29
CA LYS B 120 -13.98 27.14 15.93
C LYS B 120 -13.93 25.62 15.99
N ALA B 121 -12.81 25.04 15.58
CA ALA B 121 -12.67 23.59 15.68
C ALA B 121 -12.74 23.16 17.14
N ALA B 122 -12.06 23.88 18.02
CA ALA B 122 -12.11 23.59 19.44
C ALA B 122 -13.52 23.78 20.02
N ASP B 123 -14.20 24.84 19.56
CA ASP B 123 -15.57 25.10 19.99
C ASP B 123 -16.53 23.97 19.58
N ALA B 124 -16.22 23.30 18.48
CA ALA B 124 -16.97 22.14 17.97
C ALA B 124 -16.60 20.84 18.67
N HIS B 125 -15.61 20.90 19.56
CA HIS B 125 -15.16 19.75 20.35
C HIS B 125 -14.46 18.71 19.50
N VAL B 126 -13.94 19.13 18.35
CA VAL B 126 -13.10 18.28 17.50
C VAL B 126 -11.67 18.46 17.93
N ASP B 127 -10.88 17.39 17.90
CA ASP B 127 -9.47 17.50 18.22
C ASP B 127 -8.72 17.74 16.93
N ALA B 128 -8.59 19.01 16.55
CA ALA B 128 -7.96 19.39 15.30
C ALA B 128 -6.47 19.60 15.53
N HIS B 129 -5.66 18.97 14.69
CA HIS B 129 -4.21 19.17 14.67
C HIS B 129 -3.85 19.51 13.26
N TYR B 130 -3.57 20.78 13.03
CA TYR B 130 -3.32 21.25 11.69
C TYR B 130 -1.82 21.37 11.41
N TYR B 131 -1.45 21.08 10.18
CA TYR B 131 -0.14 21.45 9.65
C TYR B 131 -0.18 22.93 9.30
N GLU B 132 0.69 23.72 9.93
CA GLU B 132 0.73 25.16 9.72
C GLU B 132 1.93 25.52 8.84
N GLN B 133 1.67 26.32 7.81
CA GLN B 133 2.74 26.81 6.93
C GLN B 133 2.52 28.28 6.59
N ASN B 134 3.57 28.91 6.06
CA ASN B 134 3.63 30.37 5.79
C ASN B 134 3.38 30.77 4.35
N GLU B 135 3.47 29.83 3.40
CA GLU B 135 3.40 30.18 1.97
C GLU B 135 1.99 30.58 1.52
N GLN B 136 0.98 29.82 1.97
CA GLN B 136 -0.39 30.06 1.56
C GLN B 136 -1.25 30.45 2.77
N PRO B 137 -2.26 31.30 2.56
CA PRO B 137 -3.20 31.64 3.61
C PRO B 137 -4.13 30.45 3.90
N THR B 138 -4.77 30.49 5.06
CA THR B 138 -5.80 29.51 5.42
C THR B 138 -6.91 29.50 4.39
N GLY B 139 -7.38 28.31 4.03
CA GLY B 139 -8.50 28.21 3.10
C GLY B 139 -9.76 28.76 3.70
N THR B 140 -10.64 29.28 2.85
CA THR B 140 -11.85 29.91 3.30
C THR B 140 -13.01 29.55 2.40
N CYS B 141 -14.23 29.67 2.94
CA CYS B 141 -15.44 29.55 2.14
C CYS B 141 -16.41 30.60 2.62
N ALA B 142 -16.73 31.53 1.74
CA ALA B 142 -17.64 32.62 2.06
C ALA B 142 -19.04 32.21 1.60
N ALA B 143 -20.03 32.37 2.48
CA ALA B 143 -21.44 32.23 2.13
C ALA B 143 -22.04 33.62 2.21
N CYS B 144 -22.36 34.19 1.06
CA CYS B 144 -22.77 35.57 0.94
C CYS B 144 -24.26 35.58 0.66
N ILE B 145 -25.04 35.89 1.69
CA ILE B 145 -26.48 35.71 1.70
C ILE B 145 -27.18 37.02 1.31
N THR B 146 -28.14 36.93 0.40
CA THR B 146 -29.05 38.05 0.11
C THR B 146 -30.44 37.47 0.04
N GLY B 147 -31.33 37.93 0.93
CA GLY B 147 -32.66 37.33 1.07
C GLY B 147 -32.57 35.84 1.29
N GLY B 148 -33.24 35.08 0.43
CA GLY B 148 -33.19 33.61 0.45
C GLY B 148 -32.06 33.01 -0.36
N ASN B 149 -31.27 33.84 -1.04
CA ASN B 149 -30.20 33.38 -1.90
C ASN B 149 -28.91 33.27 -1.14
N ARG B 150 -28.00 32.46 -1.68
CA ARG B 150 -26.70 32.31 -1.08
C ARG B 150 -25.62 32.08 -2.14
N SER B 151 -24.61 32.94 -2.15
CA SER B 151 -23.48 32.79 -3.05
C SER B 151 -22.26 32.26 -2.30
N LEU B 152 -21.72 31.15 -2.76
CA LEU B 152 -20.58 30.50 -2.12
C LEU B 152 -19.33 30.74 -2.91
N VAL B 153 -18.26 31.14 -2.22
CA VAL B 153 -16.96 31.32 -2.87
C VAL B 153 -15.93 30.64 -2.00
N ALA B 154 -15.28 29.61 -2.54
CA ALA B 154 -14.31 28.82 -1.77
C ALA B 154 -12.91 29.02 -2.33
N ASN B 155 -11.95 29.16 -1.42
CA ASN B 155 -10.56 29.32 -1.80
C ASN B 155 -9.77 28.33 -0.98
N LEU B 156 -9.28 27.27 -1.64
CA LEU B 156 -8.65 26.16 -0.92
C LEU B 156 -7.33 26.55 -0.26
N ALA B 157 -6.50 27.28 -0.99
CA ALA B 157 -5.28 27.85 -0.46
C ALA B 157 -4.44 26.84 0.34
N ALA B 158 -4.18 27.12 1.62
CA ALA B 158 -3.36 26.22 2.46
C ALA B 158 -3.82 24.78 2.46
N ALA B 159 -5.10 24.53 2.30
CA ALA B 159 -5.58 23.15 2.35
C ALA B 159 -4.87 22.26 1.35
N ASN B 160 -4.45 22.83 0.21
CA ASN B 160 -3.73 22.09 -0.82
C ASN B 160 -2.26 21.80 -0.49
N CYS B 161 -1.78 22.28 0.65
CA CYS B 161 -0.35 22.25 0.95
C CYS B 161 0.05 21.26 2.04
N TYR B 162 -0.85 20.36 2.43
CA TYR B 162 -0.54 19.39 3.47
C TYR B 162 0.67 18.54 3.13
N LYS B 163 1.62 18.43 4.06
CA LYS B 163 2.84 17.66 3.85
C LYS B 163 2.89 16.48 4.82
N LYS B 164 2.73 15.27 4.29
CA LYS B 164 2.85 14.04 5.06
C LYS B 164 4.07 14.03 5.98
N GLU B 165 5.22 14.34 5.41
CA GLU B 165 6.47 14.19 6.14
C GLU B 165 6.64 15.22 7.26
N LYS B 166 5.90 16.32 7.19
CA LYS B 166 6.04 17.34 8.22
C LYS B 166 4.88 17.39 9.21
N HIS B 167 3.94 16.43 9.09
CA HIS B 167 2.81 16.41 9.99
C HIS B 167 2.42 14.99 10.36
N LEU B 168 1.81 14.28 9.42
CA LEU B 168 1.34 12.91 9.68
C LEU B 168 2.43 12.03 10.25
N ASP B 169 3.66 12.16 9.74
CA ASP B 169 4.75 11.26 10.11
C ASP B 169 5.37 11.57 11.47
N LEU B 170 5.06 12.74 12.04
CA LEU B 170 5.58 13.06 13.37
C LEU B 170 4.86 12.23 14.40
N GLU B 171 5.58 11.67 15.36
CA GLU B 171 4.96 10.76 16.34
C GLU B 171 3.77 11.37 17.07
N ARG B 172 3.83 12.65 17.45
CA ARG B 172 2.73 13.25 18.22
C ARG B 172 1.43 13.27 17.41
N ASN B 173 1.55 13.22 16.08
CA ASN B 173 0.36 13.14 15.23
C ASN B 173 0.03 11.71 14.84
N TRP B 174 1.05 10.92 14.50
CA TRP B 174 0.81 9.53 14.13
C TRP B 174 0.14 8.75 15.28
N VAL B 175 0.50 9.03 16.52
CA VAL B 175 -0.13 8.32 17.63
C VAL B 175 -1.64 8.58 17.64
N LEU B 176 -2.09 9.77 17.25
CA LEU B 176 -3.53 10.04 17.19
C LEU B 176 -4.20 9.20 16.11
N VAL B 177 -3.51 8.98 14.99
CA VAL B 177 -4.02 8.04 13.99
C VAL B 177 -4.18 6.65 14.64
N GLU B 178 -3.18 6.25 15.42
CA GLU B 178 -3.19 4.95 16.06
C GLU B 178 -4.26 4.81 17.13
N LYS B 179 -4.78 5.93 17.65
CA LYS B 179 -5.88 5.88 18.62
C LYS B 179 -7.23 5.51 18.01
N ALA B 180 -7.39 5.71 16.72
CA ALA B 180 -8.72 5.56 16.12
C ALA B 180 -9.15 4.12 15.93
N ARG B 181 -10.46 3.93 16.02
CA ARG B 181 -11.08 2.70 15.55
C ARG B 181 -11.66 2.83 14.14
N VAL B 182 -12.04 4.06 13.76
CA VAL B 182 -12.68 4.34 12.47
C VAL B 182 -11.97 5.52 11.86
N TYR B 183 -11.71 5.40 10.55
CA TYR B 183 -11.06 6.42 9.76
C TYR B 183 -11.99 6.87 8.65
N TYR B 184 -11.97 8.18 8.35
CA TYR B 184 -12.77 8.71 7.25
C TYR B 184 -11.96 9.80 6.56
N ILE B 185 -11.81 9.66 5.26
CA ILE B 185 -11.12 10.66 4.45
C ILE B 185 -11.97 10.93 3.21
N ALA B 186 -12.25 12.21 2.94
CA ALA B 186 -12.90 12.55 1.70
C ALA B 186 -11.93 12.32 0.52
N GLY B 187 -12.48 11.84 -0.57
CA GLY B 187 -11.75 11.71 -1.83
C GLY B 187 -11.08 13.00 -2.31
N PHE B 188 -11.62 14.15 -1.93
CA PHE B 188 -10.96 15.42 -2.22
C PHE B 188 -9.51 15.40 -1.78
N PHE B 189 -9.19 14.72 -0.67
CA PHE B 189 -7.83 14.76 -0.16
C PHE B 189 -6.84 13.97 -1.02
N LEU B 190 -7.35 13.12 -1.90
CA LEU B 190 -6.52 12.42 -2.88
C LEU B 190 -5.84 13.37 -3.85
N THR B 191 -6.37 14.59 -3.98
CA THR B 191 -5.76 15.59 -4.84
C THR B 191 -4.62 16.30 -4.15
N VAL B 192 -4.45 16.11 -2.85
CA VAL B 192 -3.48 16.83 -2.05
C VAL B 192 -2.35 15.93 -1.58
N SER B 193 -2.69 14.87 -0.85
CA SER B 193 -1.70 13.97 -0.28
C SER B 193 -2.17 12.52 -0.33
N PRO B 194 -2.19 11.94 -1.53
CA PRO B 194 -2.52 10.53 -1.64
C PRO B 194 -1.60 9.65 -0.81
N GLU B 195 -0.33 10.04 -0.64
CA GLU B 195 0.55 9.22 0.19
C GLU B 195 0.12 9.22 1.66
N SER B 196 -0.45 10.32 2.14
CA SER B 196 -1.01 10.32 3.49
C SER B 196 -2.18 9.37 3.60
N VAL B 197 -3.08 9.45 2.62
CA VAL B 197 -4.25 8.57 2.59
C VAL B 197 -3.82 7.10 2.63
N LEU B 198 -2.85 6.75 1.79
CA LEU B 198 -2.39 5.38 1.70
C LEU B 198 -1.74 4.90 2.98
N LYS B 199 -0.97 5.76 3.64
CA LYS B 199 -0.35 5.35 4.89
C LYS B 199 -1.42 5.02 5.93
N VAL B 200 -2.42 5.89 6.06
CA VAL B 200 -3.51 5.62 7.00
C VAL B 200 -4.31 4.36 6.63
N ALA B 201 -4.60 4.22 5.34
CA ALA B 201 -5.38 3.10 4.87
C ALA B 201 -4.65 1.77 5.08
N ARG B 202 -3.35 1.74 4.81
N ARG B 202 -3.35 1.74 4.77
CA ARG B 202 -2.61 0.49 5.01
CA ARG B 202 -2.48 0.57 5.03
C ARG B 202 -2.52 0.14 6.50
C ARG B 202 -2.58 0.16 6.48
N TYR B 203 -2.40 1.16 7.35
CA TYR B 203 -2.41 0.92 8.78
C TYR B 203 -3.75 0.35 9.24
N ALA B 204 -4.83 0.93 8.74
CA ALA B 204 -6.16 0.42 9.08
C ALA B 204 -6.32 -1.03 8.66
N ALA B 205 -5.90 -1.36 7.44
CA ALA B 205 -6.05 -2.73 6.95
C ALA B 205 -5.24 -3.70 7.78
N GLU B 206 -3.98 -3.36 8.06
CA GLU B 206 -3.16 -4.33 8.77
C GLU B 206 -3.63 -4.57 10.20
N ASN B 207 -4.28 -3.58 10.80
CA ASN B 207 -4.78 -3.70 12.17
C ASN B 207 -6.27 -3.97 12.26
N ASN B 208 -6.88 -4.28 11.13
CA ASN B 208 -8.29 -4.60 11.07
C ASN B 208 -9.17 -3.55 11.71
N ARG B 209 -8.91 -2.31 11.32
CA ARG B 209 -9.74 -1.18 11.74
C ARG B 209 -10.51 -0.70 10.53
N VAL B 210 -11.59 0.02 10.75
CA VAL B 210 -12.51 0.38 9.67
C VAL B 210 -12.03 1.62 8.95
N PHE B 211 -11.80 1.50 7.65
CA PHE B 211 -11.36 2.61 6.81
C PHE B 211 -12.44 3.00 5.82
N THR B 212 -12.81 4.29 5.83
CA THR B 212 -13.92 4.76 5.02
C THR B 212 -13.50 5.96 4.18
N LEU B 213 -14.15 6.12 3.03
CA LEU B 213 -13.73 7.09 2.02
C LEU B 213 -14.95 7.59 1.27
N ASN B 214 -14.93 8.86 0.88
CA ASN B 214 -15.98 9.44 0.02
C ASN B 214 -15.49 9.59 -1.41
N LEU B 215 -16.34 9.25 -2.38
CA LEU B 215 -16.03 9.60 -3.77
C LEU B 215 -15.91 11.10 -4.00
N SER B 216 -16.63 11.89 -3.20
CA SER B 216 -16.51 13.37 -3.10
C SER B 216 -17.01 14.23 -4.25
N ALA B 217 -16.63 13.91 -5.47
CA ALA B 217 -17.04 14.70 -6.65
C ALA B 217 -16.71 13.87 -7.88
N PRO B 218 -17.50 14.03 -8.96
CA PRO B 218 -17.21 13.28 -10.20
C PRO B 218 -15.76 13.41 -10.71
N PHE B 219 -15.17 14.61 -10.60
CA PHE B 219 -13.81 14.81 -11.12
C PHE B 219 -12.75 13.94 -10.45
N ILE B 220 -13.01 13.49 -9.21
CA ILE B 220 -12.08 12.60 -8.55
C ILE B 220 -12.00 11.27 -9.31
N SER B 221 -13.16 10.76 -9.73
CA SER B 221 -13.20 9.49 -10.47
C SER B 221 -12.63 9.59 -11.87
N GLN B 222 -12.61 10.79 -12.44
CA GLN B 222 -12.15 11.01 -13.82
C GLN B 222 -10.66 11.26 -13.86
N PHE B 223 -10.20 12.17 -13.02
CA PHE B 223 -8.83 12.69 -13.10
C PHE B 223 -7.90 12.17 -12.02
N PHE B 224 -8.44 11.62 -10.94
CA PHE B 224 -7.64 11.09 -9.86
C PHE B 224 -7.91 9.60 -9.65
N LYS B 225 -8.21 8.90 -10.75
CA LYS B 225 -8.59 7.51 -10.63
C LYS B 225 -7.40 6.63 -10.23
N GLU B 226 -6.16 7.04 -10.53
CA GLU B 226 -5.00 6.27 -10.08
C GLU B 226 -4.96 6.22 -8.54
N ALA B 227 -5.01 7.40 -7.92
CA ALA B 227 -5.01 7.44 -6.46
C ALA B 227 -6.24 6.76 -5.87
N LEU B 228 -7.39 6.99 -6.49
CA LEU B 228 -8.63 6.44 -5.97
C LEU B 228 -8.60 4.90 -5.95
N MET B 229 -8.12 4.32 -7.04
CA MET B 229 -8.06 2.86 -7.12
C MET B 229 -6.89 2.27 -6.36
N ASP B 230 -5.87 3.08 -6.07
CA ASP B 230 -4.84 2.66 -5.13
C ASP B 230 -5.36 2.52 -3.70
N VAL B 231 -6.31 3.36 -3.32
CA VAL B 231 -6.86 3.34 -1.98
C VAL B 231 -8.05 2.39 -1.85
N MET B 232 -8.79 2.18 -2.94
CA MET B 232 -10.01 1.39 -2.91
C MET B 232 -9.89 0.01 -2.25
N PRO B 233 -8.76 -0.72 -2.46
CA PRO B 233 -8.66 -2.06 -1.80
C PRO B 233 -8.70 -2.00 -0.29
N TYR B 234 -8.45 -0.82 0.29
CA TYR B 234 -8.46 -0.62 1.74
C TYR B 234 -9.80 -0.12 2.26
N VAL B 235 -10.73 0.17 1.38
CA VAL B 235 -11.96 0.82 1.78
C VAL B 235 -13.01 -0.19 2.24
N ASP B 236 -13.30 -0.11 3.54
CA ASP B 236 -14.38 -0.89 4.16
C ASP B 236 -15.75 -0.30 3.91
N ILE B 237 -15.88 1.02 3.93
CA ILE B 237 -17.13 1.69 3.60
C ILE B 237 -16.85 2.81 2.61
N LEU B 238 -17.46 2.68 1.44
CA LEU B 238 -17.36 3.69 0.39
C LEU B 238 -18.64 4.49 0.41
N PHE B 239 -18.53 5.80 0.63
CA PHE B 239 -19.66 6.73 0.55
C PHE B 239 -19.64 7.48 -0.77
N GLY B 240 -20.80 7.82 -1.28
CA GLY B 240 -20.88 8.69 -2.43
C GLY B 240 -22.32 9.03 -2.70
N ASN B 241 -22.54 9.76 -3.78
CA ASN B 241 -23.88 10.10 -4.25
C ASN B 241 -24.08 9.57 -5.66
N GLU B 242 -25.30 9.76 -6.18
CA GLU B 242 -25.66 9.19 -7.46
C GLU B 242 -24.82 9.71 -8.62
N THR B 243 -24.45 10.98 -8.58
CA THR B 243 -23.69 11.58 -9.65
CA THR B 243 -23.70 11.53 -9.69
C THR B 243 -22.26 11.04 -9.66
N GLU B 244 -21.65 10.98 -8.48
CA GLU B 244 -20.32 10.39 -8.36
C GLU B 244 -20.34 8.92 -8.78
N ALA B 245 -21.38 8.19 -8.37
CA ALA B 245 -21.49 6.77 -8.70
C ALA B 245 -21.53 6.57 -10.23
N ALA B 246 -22.30 7.42 -10.90
CA ALA B 246 -22.39 7.36 -12.34
C ALA B 246 -21.04 7.55 -13.01
N THR B 247 -20.28 8.54 -12.55
CA THR B 247 -18.97 8.82 -13.13
C THR B 247 -17.98 7.71 -12.83
N PHE B 248 -17.98 7.24 -11.59
CA PHE B 248 -17.15 6.12 -11.19
C PHE B 248 -17.42 4.89 -12.06
N ALA B 249 -18.70 4.57 -12.25
CA ALA B 249 -19.08 3.42 -13.06
C ALA B 249 -18.57 3.53 -14.49
N ARG B 250 -18.71 4.72 -15.08
CA ARG B 250 -18.21 4.98 -16.44
C ARG B 250 -16.71 4.78 -16.51
N GLU B 251 -16.00 5.38 -15.56
CA GLU B 251 -14.54 5.42 -15.61
C GLU B 251 -13.91 4.07 -15.28
N GLN B 252 -14.60 3.23 -14.49
CA GLN B 252 -14.15 1.87 -14.16
C GLN B 252 -14.74 0.77 -15.05
N GLY B 253 -15.48 1.15 -16.10
CA GLY B 253 -15.97 0.19 -17.09
C GLY B 253 -17.04 -0.76 -16.57
N PHE B 254 -17.88 -0.29 -15.66
CA PHE B 254 -18.94 -1.15 -15.10
C PHE B 254 -20.03 -1.52 -16.10
N GLU B 255 -20.20 -0.74 -17.16
CA GLU B 255 -21.17 -1.04 -18.23
C GLU B 255 -22.61 -1.11 -17.73
N THR B 256 -22.92 -0.29 -16.72
CA THR B 256 -24.27 -0.17 -16.19
C THR B 256 -24.44 1.23 -15.65
N LYS B 257 -25.64 1.74 -15.79
CA LYS B 257 -26.01 3.03 -15.22
C LYS B 257 -26.98 2.87 -14.04
N ASP B 258 -27.31 1.63 -13.68
CA ASP B 258 -28.26 1.37 -12.58
C ASP B 258 -27.53 1.50 -11.24
N ILE B 259 -28.01 2.37 -10.38
CA ILE B 259 -27.35 2.66 -9.11
C ILE B 259 -27.16 1.43 -8.25
N LYS B 260 -28.14 0.55 -8.20
CA LYS B 260 -28.00 -0.66 -7.38
C LYS B 260 -26.92 -1.58 -7.95
N GLU B 261 -26.86 -1.69 -9.28
CA GLU B 261 -25.84 -2.53 -9.90
C GLU B 261 -24.46 -1.92 -9.75
N ILE B 262 -24.37 -0.59 -9.82
CA ILE B 262 -23.11 0.10 -9.60
C ILE B 262 -22.64 -0.14 -8.16
N ALA B 263 -23.56 -0.04 -7.21
CA ALA B 263 -23.21 -0.30 -5.80
C ALA B 263 -22.72 -1.73 -5.59
N LYS B 264 -23.41 -2.71 -6.20
CA LYS B 264 -22.99 -4.10 -6.14
C LYS B 264 -21.60 -4.30 -6.73
N LYS B 265 -21.34 -3.71 -7.90
CA LYS B 265 -20.02 -3.89 -8.53
C LYS B 265 -18.93 -3.21 -7.73
N ALA B 266 -19.23 -2.04 -7.16
CA ALA B 266 -18.23 -1.38 -6.32
C ALA B 266 -17.94 -2.21 -5.08
N GLN B 267 -18.99 -2.79 -4.51
CA GLN B 267 -18.84 -3.60 -3.31
C GLN B 267 -17.85 -4.75 -3.55
N ALA B 268 -17.90 -5.32 -4.75
CA ALA B 268 -17.11 -6.48 -5.12
C ALA B 268 -15.72 -6.16 -5.66
N LEU B 269 -15.30 -4.90 -5.62
CA LEU B 269 -13.97 -4.54 -6.08
C LEU B 269 -12.90 -5.20 -5.22
N PRO B 270 -11.69 -5.38 -5.77
CA PRO B 270 -10.62 -6.02 -5.00
C PRO B 270 -10.45 -5.44 -3.61
N LYS B 271 -10.22 -6.29 -2.62
CA LYS B 271 -10.14 -5.85 -1.22
C LYS B 271 -9.07 -6.63 -0.48
N VAL B 272 -8.26 -5.92 0.30
CA VAL B 272 -7.10 -6.44 1.00
CA VAL B 272 -7.12 -6.59 0.96
C VAL B 272 -7.44 -7.17 2.32
N ASN B 273 -8.26 -6.52 3.15
CA ASN B 273 -8.54 -7.06 4.50
C ASN B 273 -9.69 -8.02 4.44
N SER B 274 -9.35 -9.31 4.55
CA SER B 274 -10.33 -10.40 4.44
C SER B 274 -11.32 -10.45 5.59
N LYS B 275 -11.05 -9.76 6.69
CA LYS B 275 -11.92 -9.86 7.89
C LYS B 275 -13.15 -9.00 7.81
N ARG B 276 -13.17 -8.08 6.84
CA ARG B 276 -14.30 -7.15 6.65
C ARG B 276 -14.72 -7.14 5.20
N GLN B 277 -16.02 -7.33 4.97
CA GLN B 277 -16.56 -7.14 3.61
C GLN B 277 -16.86 -5.66 3.41
N ARG B 278 -16.74 -5.20 2.17
CA ARG B 278 -17.03 -3.79 1.88
C ARG B 278 -18.53 -3.52 1.96
N THR B 279 -18.87 -2.31 2.38
CA THR B 279 -20.20 -1.76 2.27
C THR B 279 -20.10 -0.52 1.41
N VAL B 280 -21.03 -0.36 0.47
CA VAL B 280 -21.06 0.79 -0.42
C VAL B 280 -22.37 1.51 -0.19
N ILE B 281 -22.32 2.82 0.06
CA ILE B 281 -23.47 3.62 0.45
C ILE B 281 -23.58 4.82 -0.47
N PHE B 282 -24.59 4.82 -1.31
CA PHE B 282 -24.82 5.92 -2.24
C PHE B 282 -26.13 6.63 -1.91
N THR B 283 -26.03 7.91 -1.57
CA THR B 283 -27.22 8.73 -1.43
C THR B 283 -27.72 9.17 -2.79
N GLN B 284 -29.02 9.47 -2.85
CA GLN B 284 -29.67 9.89 -4.08
C GLN B 284 -30.57 11.10 -3.86
N GLY B 285 -30.11 12.04 -3.05
CA GLY B 285 -30.90 13.25 -2.78
C GLY B 285 -32.15 12.91 -2.00
N ARG B 286 -33.32 13.16 -2.59
CA ARG B 286 -34.57 12.76 -1.99
C ARG B 286 -34.92 11.30 -2.25
N ASP B 287 -34.25 10.66 -3.20
CA ASP B 287 -34.49 9.25 -3.48
C ASP B 287 -33.72 8.39 -2.49
N ASP B 288 -33.94 7.10 -2.52
CA ASP B 288 -33.49 6.22 -1.45
C ASP B 288 -31.98 6.18 -1.36
N THR B 289 -31.47 6.00 -0.15
CA THR B 289 -30.06 5.70 0.05
C THR B 289 -29.86 4.21 -0.24
N ILE B 290 -28.89 3.90 -1.09
CA ILE B 290 -28.63 2.55 -1.55
C ILE B 290 -27.44 1.99 -0.80
N VAL B 291 -27.58 0.80 -0.23
CA VAL B 291 -26.52 0.16 0.54
C VAL B 291 -26.25 -1.22 -0.03
N ALA B 292 -25.06 -1.43 -0.57
CA ALA B 292 -24.64 -2.73 -1.03
C ALA B 292 -23.69 -3.31 0.00
N ALA B 293 -23.96 -4.53 0.41
CA ALA B 293 -23.06 -5.27 1.27
C ALA B 293 -22.81 -6.64 0.61
N GLU B 294 -22.21 -7.57 1.34
CA GLU B 294 -21.72 -8.80 0.68
C GLU B 294 -22.81 -9.56 -0.07
N ASN B 295 -23.97 -9.72 0.54
CA ASN B 295 -24.97 -10.62 -0.05
C ASN B 295 -26.23 -9.91 -0.50
N ASP B 296 -26.24 -8.58 -0.43
CA ASP B 296 -27.49 -7.86 -0.46
C ASP B 296 -27.28 -6.42 -0.91
N VAL B 297 -28.26 -5.88 -1.64
CA VAL B 297 -28.41 -4.45 -1.83
C VAL B 297 -29.76 -4.05 -1.22
N THR B 298 -29.76 -3.00 -0.40
CA THR B 298 -30.94 -2.55 0.34
C THR B 298 -31.15 -1.06 0.10
N ALA B 299 -32.39 -0.66 -0.05
CA ALA B 299 -32.76 0.74 -0.23
C ALA B 299 -33.37 1.27 1.07
N PHE B 300 -32.86 2.41 1.53
CA PHE B 300 -33.33 3.07 2.74
C PHE B 300 -34.03 4.38 2.34
N PRO B 301 -35.36 4.45 2.46
CA PRO B 301 -36.05 5.67 2.10
C PRO B 301 -35.64 6.90 2.91
N VAL B 302 -35.66 8.04 2.25
CA VAL B 302 -35.50 9.32 2.90
C VAL B 302 -36.91 9.76 3.32
N LEU B 303 -37.19 9.68 4.62
CA LEU B 303 -38.52 10.01 5.10
C LEU B 303 -38.81 11.50 5.15
N ASP B 304 -37.77 12.33 5.16
CA ASP B 304 -37.92 13.78 5.13
C ASP B 304 -38.12 14.22 3.67
N GLN B 305 -39.38 14.45 3.31
CA GLN B 305 -39.73 14.87 1.95
C GLN B 305 -40.34 16.27 1.95
N ASN B 306 -40.05 17.04 3.00
CA ASN B 306 -40.60 18.37 3.15
C ASN B 306 -39.73 19.35 2.37
N GLN B 307 -39.86 19.29 1.04
CA GLN B 307 -38.95 20.00 0.15
C GLN B 307 -38.99 21.49 0.40
N GLU B 308 -40.17 21.98 0.73
CA GLU B 308 -40.42 23.40 0.87
C GLU B 308 -39.79 23.95 2.17
N GLU B 309 -39.35 23.09 3.09
CA GLU B 309 -38.58 23.51 4.28
C GLU B 309 -37.06 23.55 4.03
N ILE B 310 -36.62 23.03 2.88
CA ILE B 310 -35.19 22.97 2.62
C ILE B 310 -34.71 24.33 2.26
N ILE B 311 -33.69 24.81 2.94
CA ILE B 311 -33.16 26.09 2.56
C ILE B 311 -31.82 26.03 1.83
N ASP B 312 -31.04 24.96 2.03
CA ASP B 312 -29.69 24.91 1.48
C ASP B 312 -29.24 23.48 1.51
N THR B 313 -28.92 22.89 0.36
CA THR B 313 -28.42 21.50 0.35
C THR B 313 -26.90 21.39 0.50
N ASN B 314 -26.18 22.51 0.60
CA ASN B 314 -24.72 22.50 0.79
CA ASN B 314 -24.72 22.41 0.76
C ASN B 314 -24.37 21.79 2.11
N GLY B 315 -23.54 20.77 2.04
CA GLY B 315 -23.11 20.04 3.21
C GLY B 315 -24.01 18.88 3.61
N ALA B 316 -25.08 18.63 2.86
CA ALA B 316 -25.98 17.53 3.18
C ALA B 316 -25.28 16.17 3.20
N GLY B 317 -24.43 15.91 2.21
CA GLY B 317 -23.68 14.69 2.14
C GLY B 317 -22.67 14.61 3.27
N ASP B 318 -21.99 15.73 3.57
CA ASP B 318 -21.02 15.75 4.67
C ASP B 318 -21.72 15.40 6.00
N ALA B 319 -22.93 15.95 6.17
CA ALA B 319 -23.70 15.69 7.37
C ALA B 319 -24.22 14.25 7.43
N PHE B 320 -24.65 13.71 6.30
CA PHE B 320 -25.05 12.30 6.24
C PHE B 320 -23.90 11.41 6.71
N VAL B 321 -22.70 11.68 6.20
CA VAL B 321 -21.56 10.85 6.58
C VAL B 321 -21.25 11.04 8.07
N GLY B 322 -21.27 12.27 8.55
CA GLY B 322 -21.02 12.50 9.97
C GLY B 322 -22.00 11.79 10.87
N GLY B 323 -23.28 11.82 10.52
CA GLY B 323 -24.26 11.10 11.30
C GLY B 323 -24.03 9.61 11.27
N PHE B 324 -23.75 9.08 10.10
CA PHE B 324 -23.44 7.66 9.97
C PHE B 324 -22.27 7.26 10.88
N LEU B 325 -21.19 8.01 10.79
CA LEU B 325 -19.98 7.74 11.55
C LEU B 325 -20.21 7.83 13.05
N SER B 326 -21.09 8.75 13.49
CA SER B 326 -21.36 8.91 14.90
C SER B 326 -21.89 7.64 15.53
N GLN B 327 -22.63 6.82 14.77
CA GLN B 327 -23.18 5.57 15.27
C GLN B 327 -22.24 4.39 14.99
N LEU B 328 -21.50 4.46 13.87
CA LEU B 328 -20.56 3.40 13.49
C LEU B 328 -19.49 3.21 14.59
N VAL B 329 -19.00 4.32 15.17
CA VAL B 329 -17.98 4.20 16.22
C VAL B 329 -18.45 3.43 17.46
N SER B 330 -19.77 3.37 17.69
CA SER B 330 -20.35 2.57 18.76
C SER B 330 -20.85 1.20 18.30
N ASP B 331 -20.46 0.79 17.10
CA ASP B 331 -20.84 -0.52 16.56
C ASP B 331 -22.36 -0.68 16.47
N LYS B 332 -23.08 0.43 16.27
CA LYS B 332 -24.54 0.36 16.14
C LYS B 332 -24.88 -0.32 14.80
N PRO B 333 -26.08 -0.93 14.71
CA PRO B 333 -26.50 -1.55 13.46
C PRO B 333 -26.55 -0.60 12.28
N LEU B 334 -26.40 -1.15 11.09
CA LEU B 334 -26.47 -0.38 9.85
C LEU B 334 -27.71 0.50 9.81
N THR B 335 -28.87 -0.04 10.16
CA THR B 335 -30.11 0.73 10.15
CA THR B 335 -30.09 0.76 10.13
C THR B 335 -29.99 2.04 10.96
N GLU B 336 -29.34 1.93 12.13
CA GLU B 336 -29.19 3.08 13.03
C GLU B 336 -28.19 4.09 12.48
N CYS B 337 -27.15 3.59 11.83
CA CYS B 337 -26.16 4.47 11.21
C CYS B 337 -26.81 5.25 10.06
N ILE B 338 -27.64 4.57 9.26
CA ILE B 338 -28.35 5.28 8.18
C ILE B 338 -29.33 6.27 8.76
N ARG B 339 -30.08 5.88 9.80
CA ARG B 339 -31.05 6.77 10.42
C ARG B 339 -30.38 8.04 10.93
N ALA B 340 -29.23 7.89 11.55
CA ALA B 340 -28.50 9.06 12.05
C ALA B 340 -27.97 9.95 10.93
N GLY B 341 -27.50 9.35 9.85
CA GLY B 341 -27.13 10.08 8.69
C GLY B 341 -28.27 10.88 8.09
N HIS B 342 -29.42 10.21 7.93
CA HIS B 342 -30.58 10.93 7.42
C HIS B 342 -31.01 12.04 8.36
N TYR B 343 -30.97 11.79 9.66
CA TYR B 343 -31.30 12.82 10.65
C TYR B 343 -30.39 14.03 10.50
N ALA B 344 -29.08 13.78 10.50
CA ALA B 344 -28.13 14.87 10.43
C ALA B 344 -28.32 15.69 9.16
N ALA B 345 -28.49 15.01 8.02
CA ALA B 345 -28.72 15.76 6.79
C ALA B 345 -29.97 16.63 6.90
N SER B 346 -31.04 16.07 7.49
CA SER B 346 -32.30 16.83 7.61
C SER B 346 -32.12 18.11 8.42
N VAL B 347 -31.26 18.06 9.43
CA VAL B 347 -30.97 19.24 10.26
C VAL B 347 -30.17 20.28 9.44
N ILE B 348 -29.11 19.81 8.82
CA ILE B 348 -28.20 20.69 8.09
C ILE B 348 -28.89 21.43 6.95
N ILE B 349 -29.83 20.76 6.26
CA ILE B 349 -30.42 21.36 5.07
C ILE B 349 -31.48 22.41 5.38
N ARG B 350 -31.77 22.58 6.66
CA ARG B 350 -32.66 23.62 7.13
C ARG B 350 -31.91 24.85 7.67
N ARG B 351 -30.60 24.87 7.51
CA ARG B 351 -29.72 25.93 7.98
C ARG B 351 -28.74 26.26 6.88
N THR B 352 -28.21 27.48 6.88
CA THR B 352 -27.15 27.83 5.97
C THR B 352 -25.90 26.98 6.21
N GLY B 353 -25.49 26.27 5.19
CA GLY B 353 -24.30 25.43 5.25
C GLY B 353 -24.44 24.27 6.21
N CYS B 354 -23.30 23.69 6.52
CA CYS B 354 -23.23 22.52 7.40
C CYS B 354 -23.13 22.95 8.85
N THR B 355 -24.25 23.44 9.38
CA THR B 355 -24.34 23.91 10.76
C THR B 355 -25.56 23.25 11.41
N PHE B 356 -25.62 23.37 12.74
CA PHE B 356 -26.56 22.61 13.54
C PHE B 356 -26.75 23.32 14.87
N PRO B 357 -27.89 23.08 15.54
CA PRO B 357 -28.13 23.71 16.82
C PRO B 357 -27.26 23.11 17.92
N GLU B 358 -27.35 23.67 19.12
CA GLU B 358 -26.44 23.30 20.18
C GLU B 358 -26.45 21.79 20.46
N LYS B 359 -27.63 21.20 20.55
CA LYS B 359 -27.73 19.80 20.94
C LYS B 359 -28.52 19.03 19.91
N PRO B 360 -28.14 17.76 19.67
CA PRO B 360 -28.95 16.92 18.80
C PRO B 360 -30.19 16.40 19.49
N ASP B 361 -31.16 15.98 18.68
CA ASP B 361 -32.37 15.33 19.15
C ASP B 361 -32.58 14.08 18.32
N PHE B 362 -31.60 13.19 18.40
CA PHE B 362 -31.63 11.93 17.70
C PHE B 362 -31.89 10.82 18.71
N HIS B 363 -32.94 10.04 18.48
CA HIS B 363 -33.38 9.06 19.46
C HIS B 363 -34.04 7.87 18.78
O5' ADN C . 21.59 -22.26 4.49
C5' ADN C . 20.48 -22.78 3.75
C4' ADN C . 20.42 -24.29 3.79
O4' ADN C . 21.60 -24.82 3.14
C3' ADN C . 20.40 -24.96 5.16
O3' ADN C . 19.11 -25.00 5.74
C2' ADN C . 20.97 -26.33 4.81
O2' ADN C . 19.90 -27.03 4.20
C1' ADN C . 22.05 -26.00 3.78
N9 ADN C . 23.33 -25.67 4.47
C8 ADN C . 23.86 -24.44 4.67
N7 ADN C . 25.01 -24.51 5.39
C5 ADN C . 25.18 -25.82 5.63
C6 ADN C . 26.15 -26.59 6.33
N6 ADN C . 27.18 -26.03 6.92
N1 ADN C . 25.99 -27.91 6.37
C2 ADN C . 24.95 -28.55 5.78
N3 ADN C . 24.00 -27.93 5.11
C4 ADN C . 24.10 -26.58 5.03
HO5' ADN C . 21.57 -21.30 4.45
H5'1 ADN C . 19.56 -22.37 4.16
H5'2 ADN C . 20.55 -22.45 2.72
H4' ADN C . 19.52 -24.61 3.23
H3' ADN C . 21.11 -24.44 5.83
HO3' ADN C . 18.79 -24.12 5.87
H2' ADN C . 21.37 -26.85 5.69
HO2' ADN C . 19.97 -27.04 3.24
H1' ADN C . 22.19 -26.83 3.06
H8 ADN C . 23.44 -23.52 4.32
HN61 ADN C . 27.30 -25.03 6.87
HN62 ADN C . 27.87 -26.59 7.39
H2 ADN C . 24.92 -29.62 5.87
S SO4 D . 21.82 -22.15 -15.16
O1 SO4 D . 20.72 -23.01 -15.62
O2 SO4 D . 22.99 -22.38 -16.06
O3 SO4 D . 21.36 -20.79 -15.38
O4 SO4 D . 22.15 -22.52 -13.75
CL CL E . 16.82 -10.72 -6.04
O1 PG4 F . 20.88 -37.18 -4.70
C1 PG4 F . 21.45 -36.51 -3.58
C2 PG4 F . 22.57 -35.60 -4.04
O2 PG4 F . 22.59 -34.42 -3.22
C3 PG4 F . 23.66 -34.34 -2.29
C4 PG4 F . 23.42 -35.42 -1.27
O3 PG4 F . 24.11 -35.09 -0.09
C5 PG4 F . 23.94 -36.03 0.95
C6 PG4 F . 22.59 -35.79 1.59
O4 PG4 F . 22.38 -36.60 2.74
C7 PG4 F . 21.10 -36.37 3.34
C8 PG4 F . 19.96 -36.89 2.47
O5 PG4 F . 18.71 -36.73 3.14
HO1 PG4 F . 20.17 -37.73 -4.30
H11 PG4 F . 20.69 -35.90 -3.10
H12 PG4 F . 21.82 -37.23 -2.85
H21 PG4 F . 23.52 -36.13 -3.99
H22 PG4 F . 22.41 -35.31 -5.08
H31 PG4 F . 24.62 -34.48 -2.78
H32 PG4 F . 23.66 -33.36 -1.80
H41 PG4 F . 22.35 -35.51 -1.11
H42 PG4 F . 23.79 -36.37 -1.65
H51 PG4 F . 24.00 -37.05 0.57
H52 PG4 F . 24.74 -35.90 1.69
H61 PG4 F . 22.46 -34.73 1.81
H62 PG4 F . 21.86 -36.09 0.86
H71 PG4 F . 21.07 -36.87 4.31
H72 PG4 F . 20.97 -35.29 3.51
H81 PG4 F . 19.90 -36.34 1.53
H82 PG4 F . 20.13 -37.95 2.25
HO5 PG4 F . 18.80 -36.18 3.93
O1 PG4 G . 3.68 -11.83 19.51
C1 PG4 G . 3.20 -10.78 18.68
C2 PG4 G . 4.26 -10.44 17.63
O2 PG4 G . 4.53 -9.05 17.58
C3 PG4 G . 5.03 -8.51 18.80
C4 PG4 G . 6.22 -7.57 18.58
O3 PG4 G . 6.44 -6.83 19.80
C5 PG4 G . 7.18 -7.58 20.76
C6 PG4 G . 7.22 -7.03 22.19
O4 PG4 G . 7.27 -8.13 23.11
C7 PG4 G . 5.98 -8.59 23.54
C8 PG4 G . 6.05 -9.90 24.32
O5 PG4 G . 5.61 -11.02 23.54
HO1 PG4 G . 3.02 -12.04 20.19
H11 PG4 G . 2.29 -11.12 18.16
H12 PG4 G . 2.92 -9.92 19.29
H21 PG4 G . 5.18 -11.00 17.84
H22 PG4 G . 3.89 -10.76 16.66
H31 PG4 G . 4.24 -7.95 19.28
H32 PG4 G . 5.33 -9.31 19.46
H41 PG4 G . 7.10 -8.14 18.32
H42 PG4 G . 5.99 -6.87 17.77
H51 PG4 G . 6.73 -8.55 20.83
H52 PG4 G . 8.19 -7.71 20.40
H61 PG4 G . 8.12 -6.41 22.31
H62 PG4 G . 6.35 -6.41 22.37
H71 PG4 G . 5.31 -8.70 22.68
H72 PG4 G . 5.54 -7.84 24.18
H81 PG4 G . 7.09 -10.07 24.64
H82 PG4 G . 5.43 -9.82 25.21
HO5 PG4 G . 4.73 -10.84 23.16
C ACT H . 22.56 -17.76 -0.17
O ACT H . 23.71 -17.28 -0.53
OXT ACT H . 21.53 -17.89 -0.95
CH3 ACT H . 22.49 -18.33 1.25
H1 ACT H . 22.87 -19.31 1.28
H2 ACT H . 23.08 -17.71 1.87
H3 ACT H . 21.49 -18.28 1.61
O5' ADN I . -27.81 14.24 -0.10
C5' ADN I . -27.49 13.61 1.14
C4' ADN I . -28.72 13.39 1.99
O4' ADN I . -29.33 14.66 2.30
C3' ADN I . -29.83 12.55 1.39
O3' ADN I . -29.53 11.16 1.50
C2' ADN I . -31.00 13.02 2.21
O2' ADN I . -30.90 12.36 3.46
C1' ADN I . -30.73 14.53 2.34
N9 ADN I . -31.29 15.24 1.18
C8 ADN I . -30.61 15.71 0.12
N7 ADN I . -31.43 16.26 -0.80
C5 ADN I . -32.67 16.12 -0.30
C6 ADN I . -33.99 16.48 -0.73
N6 ADN I . -34.22 17.06 -1.87
N1 ADN I . -35.01 16.16 0.07
C2 ADN I . -34.85 15.54 1.26
N3 ADN I . -33.67 15.18 1.74
C4 ADN I . -32.59 15.46 0.99
HO5' ADN I . -27.02 14.38 -0.58
H5'1 ADN I . -27.01 12.64 0.94
H5'2 ADN I . -26.77 14.22 1.69
H4' ADN I . -28.39 12.91 2.92
H3' ADN I . -29.97 12.83 0.34
HO3' ADN I . -28.74 11.00 0.97
H2' ADN I . -31.96 12.81 1.72
HO2' ADN I . -30.54 12.95 4.15
H1' ADN I . -31.15 14.93 3.28
H8 ADN I . -29.54 15.67 -0.01
HN61 ADN I . -33.44 17.31 -2.47
HN62 ADN I . -35.15 17.30 -2.14
H2 ADN I . -35.73 15.34 1.83
S SO4 J . -19.43 25.19 13.80
O1 SO4 J . -20.40 24.67 12.81
O2 SO4 J . -18.01 25.14 13.33
O3 SO4 J . -19.48 24.48 15.09
O4 SO4 J . -19.69 26.63 14.07
CL CL K . -12.03 17.41 2.72
O1 PG4 L . -35.66 16.94 14.25
C1 PG4 L . -35.40 18.02 13.35
C2 PG4 L . -34.73 17.56 12.06
O2 PG4 L . -35.55 17.92 10.97
C3 PG4 L . -36.40 16.85 10.60
C4 PG4 L . -37.68 17.26 9.87
O3 PG4 L . -38.13 16.22 8.97
C5 PG4 L . -38.13 14.89 9.51
C6 PG4 L . -39.06 13.89 8.84
O4 PG4 L . -38.51 12.56 8.93
C7 PG4 L . -38.29 12.09 10.26
C8 PG4 L . -37.71 10.69 10.23
O5 PG4 L . -37.35 10.30 11.56
HO1 PG4 L . -36.10 17.23 15.03
H11 PG4 L . -36.33 18.53 13.11
H12 PG4 L . -34.76 18.75 13.85
H21 PG4 L . -33.76 18.03 11.97
H22 PG4 L . -34.55 16.48 12.11
H31 PG4 L . -35.83 16.22 9.93
H32 PG4 L . -36.68 16.27 11.49
H41 PG4 L . -38.46 17.46 10.61
H42 PG4 L . -37.49 18.17 9.32
H51 PG4 L . -37.13 14.50 9.39
H52 PG4 L . -38.37 14.92 10.58
H61 PG4 L . -40.04 13.92 9.32
H62 PG4 L . -39.17 14.14 7.79
H71 PG4 L . -37.59 12.72 10.80
H72 PG4 L . -39.24 12.08 10.79
H81 PG4 L . -38.43 9.99 9.82
H82 PG4 L . -36.82 10.67 9.59
HO5 PG4 L . -37.97 10.70 12.21
C ACT M . -22.62 18.15 0.25
O ACT M . -21.96 17.68 1.29
OXT ACT M . -22.54 19.34 -0.24
CH3 ACT M . -23.81 17.36 -0.33
H1 ACT M . -24.71 17.63 0.16
H2 ACT M . -23.88 17.62 -1.36
H3 ACT M . -23.62 16.32 -0.29
#